data_2IMO
#
_entry.id   2IMO
#
_cell.length_a   94.747
_cell.length_b   183.923
_cell.length_c   48.777
_cell.angle_alpha   90.00
_cell.angle_beta   90.00
_cell.angle_gamma   90.00
#
_symmetry.space_group_name_H-M   'P 21 21 2'
#
loop_
_entity.id
_entity.type
_entity.pdbx_description
1 polymer 'Allantoate amidohydrolase'
2 water water
#
_entity_poly.entity_id   1
_entity_poly.type   'polypeptide(L)'
_entity_poly.pdbx_seq_one_letter_code
;(MSE)SLITHFRQAIEETLPWLSSFGADPAGG(MSE)TRLLYSPEWLETQQQFKKR(MSE)AASGLETRFDEVGNLYGRL
NGTEYPQEVVLSGSHIDTVVNGGNLDGQFGALAAWLAIDWLKTQYGAPLRTVEVVA(MSE)AEEEGSRFPYVFWGSKNIF
GLANPDDVRNICDAKGNSFVDA(MSE)KACGFTLPNAPLTPRQDIKAFVELHIEQGCVLESNGQSIGVVNAIVGQRRYTV
TLNGESNHAGTTP(MSE)GYRRDTVYAFSRICHQSVEKAKR(MSE)GDPLVLTFGKVEPRPNTVNVVPGKTTFTIDCRHT
DAAVLRDFTQQLEND(MSE)RAICDE(MSE)DIGIDIDLW(MSE)DEEPVP(MSE)NKELVATLTELCEREKLNYRV
(MSE)HSGAGHDAQIFAPRVPTC(MSE)IFIPSINGISHNPAERTNITDLAEGVKTLAL(MSE)LYQLAWQKEGGSHHHH
HH
;
_entity_poly.pdbx_strand_id   A,B
#
# COMPACT_ATOMS: atom_id res chain seq x y z
N LEU A 3 -21.00 -27.10 -39.17
CA LEU A 3 -21.76 -25.95 -38.58
C LEU A 3 -20.84 -25.04 -37.79
N ILE A 4 -19.97 -25.62 -36.96
CA ILE A 4 -19.03 -24.81 -36.20
C ILE A 4 -18.08 -24.14 -37.16
N THR A 5 -17.80 -24.83 -38.26
CA THR A 5 -16.93 -24.31 -39.31
C THR A 5 -17.68 -23.19 -40.02
N HIS A 6 -19.00 -23.32 -40.04
CA HIS A 6 -19.84 -22.32 -40.69
C HIS A 6 -19.91 -21.01 -39.93
N PHE A 7 -19.93 -21.10 -38.61
CA PHE A 7 -19.97 -19.92 -37.78
C PHE A 7 -18.58 -19.35 -37.68
N ARG A 8 -17.57 -20.21 -37.71
CA ARG A 8 -16.20 -19.76 -37.61
C ARG A 8 -15.89 -18.78 -38.75
N GLN A 9 -16.52 -19.00 -39.90
CA GLN A 9 -16.35 -18.12 -41.05
C GLN A 9 -17.13 -16.84 -40.73
N ALA A 10 -18.38 -17.05 -40.32
CA ALA A 10 -19.30 -15.97 -39.96
C ALA A 10 -18.69 -15.04 -38.92
N ILE A 11 -18.08 -15.61 -37.88
CA ILE A 11 -17.46 -14.82 -36.83
C ILE A 11 -16.26 -14.12 -37.42
N GLU A 12 -15.41 -14.92 -38.09
CA GLU A 12 -14.19 -14.42 -38.71
C GLU A 12 -14.41 -13.26 -39.68
N GLU A 13 -15.61 -13.15 -40.23
CA GLU A 13 -15.85 -12.05 -41.15
C GLU A 13 -16.70 -10.92 -40.57
N THR A 14 -17.34 -11.17 -39.44
CA THR A 14 -18.18 -10.15 -38.81
C THR A 14 -17.55 -9.50 -37.58
N LEU A 15 -16.75 -10.27 -36.83
CA LEU A 15 -16.09 -9.79 -35.60
C LEU A 15 -15.20 -8.60 -35.91
N PRO A 16 -14.28 -8.75 -36.87
CA PRO A 16 -13.41 -7.64 -37.21
C PRO A 16 -14.24 -6.46 -37.71
N TRP A 17 -15.38 -6.76 -38.35
CA TRP A 17 -16.28 -5.74 -38.86
C TRP A 17 -16.75 -4.84 -37.74
N LEU A 18 -17.54 -5.41 -36.83
CA LEU A 18 -18.08 -4.66 -35.71
C LEU A 18 -16.97 -4.18 -34.80
N SER A 19 -15.90 -4.97 -34.72
CA SER A 19 -14.77 -4.65 -33.87
C SER A 19 -14.07 -3.38 -34.36
N SER A 20 -14.34 -3.01 -35.61
CA SER A 20 -13.73 -1.84 -36.22
C SER A 20 -14.39 -0.54 -35.82
N PHE A 21 -15.40 -0.60 -34.96
CA PHE A 21 -16.07 0.61 -34.53
C PHE A 21 -15.72 0.95 -33.08
N GLY A 22 -14.57 1.59 -32.90
CA GLY A 22 -14.12 1.96 -31.58
C GLY A 22 -12.81 1.31 -31.18
N ALA A 23 -11.79 1.44 -32.03
CA ALA A 23 -10.47 0.87 -31.76
C ALA A 23 -9.63 1.75 -30.81
N ASP A 24 -8.53 1.20 -30.29
CA ASP A 24 -7.64 1.94 -29.38
C ASP A 24 -8.28 2.13 -28.00
N MSE A 29 -9.70 -1.40 -27.99
CA MSE A 29 -11.13 -1.20 -28.18
C MSE A 29 -11.72 -0.31 -27.07
O MSE A 29 -11.55 -0.62 -25.89
CB MSE A 29 -11.83 -2.56 -28.19
CG MSE A 29 -13.26 -2.60 -28.79
SE MSE A 29 -13.35 -2.52 -30.61
CE MSE A 29 -11.94 -3.52 -31.06
N THR A 30 -12.38 0.78 -27.45
CA THR A 30 -12.97 1.71 -26.46
C THR A 30 -14.50 1.67 -26.43
N ARG A 31 -15.14 2.48 -27.28
CA ARG A 31 -16.61 2.56 -27.41
C ARG A 31 -17.43 2.71 -26.13
N LEU A 32 -17.61 3.95 -25.65
CA LEU A 32 -18.38 4.20 -24.42
C LEU A 32 -19.79 4.77 -24.66
N LEU A 33 -20.62 4.68 -23.63
CA LEU A 33 -22.01 5.16 -23.65
C LEU A 33 -22.18 6.48 -24.40
N TYR A 34 -23.21 6.54 -25.23
CA TYR A 34 -23.54 7.75 -25.99
C TYR A 34 -22.38 8.53 -26.59
N SER A 35 -21.44 7.85 -27.25
CA SER A 35 -20.31 8.54 -27.87
C SER A 35 -20.48 8.41 -29.37
N PRO A 36 -19.68 9.16 -30.16
CA PRO A 36 -19.80 9.06 -31.61
C PRO A 36 -19.65 7.61 -32.09
N GLU A 37 -18.61 6.95 -31.61
CA GLU A 37 -18.34 5.55 -31.96
C GLU A 37 -19.51 4.68 -31.53
N TRP A 38 -20.01 4.93 -30.33
CA TRP A 38 -21.14 4.19 -29.80
C TRP A 38 -22.28 4.32 -30.79
N LEU A 39 -22.64 5.56 -31.12
CA LEU A 39 -23.73 5.79 -32.05
C LEU A 39 -23.48 5.10 -33.40
N GLU A 40 -22.33 5.39 -34.01
CA GLU A 40 -22.00 4.79 -35.29
C GLU A 40 -22.08 3.27 -35.28
N THR A 41 -21.55 2.65 -34.22
CA THR A 41 -21.55 1.19 -34.08
C THR A 41 -22.98 0.63 -34.13
N GLN A 42 -23.87 1.25 -33.37
CA GLN A 42 -25.26 0.86 -33.31
C GLN A 42 -25.95 1.01 -34.66
N GLN A 43 -25.54 2.02 -35.44
CA GLN A 43 -26.12 2.28 -36.75
C GLN A 43 -25.67 1.25 -37.79
N GLN A 44 -24.42 0.82 -37.69
CA GLN A 44 -23.90 -0.16 -38.62
C GLN A 44 -24.46 -1.55 -38.32
N PHE A 45 -24.79 -1.78 -37.06
CA PHE A 45 -25.35 -3.06 -36.64
C PHE A 45 -26.81 -3.04 -37.11
N LYS A 46 -27.54 -1.99 -36.72
CA LYS A 46 -28.94 -1.85 -37.11
C LYS A 46 -29.09 -1.93 -38.64
N LYS A 47 -28.13 -1.36 -39.35
CA LYS A 47 -28.09 -1.37 -40.81
C LYS A 47 -28.07 -2.83 -41.28
N ARG A 48 -27.03 -3.55 -40.89
CA ARG A 48 -26.87 -4.95 -41.27
C ARG A 48 -27.95 -5.88 -40.72
N MSE A 49 -28.43 -5.59 -39.51
CA MSE A 49 -29.50 -6.39 -38.91
C MSE A 49 -30.71 -6.29 -39.81
O MSE A 49 -31.31 -7.31 -40.19
CB MSE A 49 -29.88 -5.87 -37.53
CG MSE A 49 -28.84 -6.06 -36.47
SE MSE A 49 -29.58 -5.91 -34.86
CE MSE A 49 -30.13 -7.57 -34.71
N ALA A 50 -31.07 -5.05 -40.15
CA ALA A 50 -32.20 -4.75 -41.02
C ALA A 50 -32.03 -5.48 -42.33
N ALA A 51 -30.87 -5.28 -42.96
CA ALA A 51 -30.56 -5.89 -44.23
C ALA A 51 -30.90 -7.37 -44.22
N SER A 52 -30.30 -8.09 -43.26
CA SER A 52 -30.50 -9.53 -43.11
C SER A 52 -31.96 -9.97 -42.91
N GLY A 53 -32.87 -9.01 -42.80
CA GLY A 53 -34.28 -9.36 -42.66
C GLY A 53 -34.94 -9.14 -41.32
N LEU A 54 -34.24 -8.52 -40.38
CA LEU A 54 -34.83 -8.27 -39.08
C LEU A 54 -35.43 -6.88 -39.00
N GLU A 55 -36.41 -6.74 -38.12
CA GLU A 55 -37.12 -5.50 -37.87
C GLU A 55 -36.42 -4.77 -36.73
N THR A 56 -35.46 -3.92 -37.09
CA THR A 56 -34.67 -3.15 -36.11
C THR A 56 -35.39 -1.96 -35.49
N ARG A 57 -34.87 -1.50 -34.35
CA ARG A 57 -35.44 -0.36 -33.63
C ARG A 57 -34.61 -0.03 -32.38
N PHE A 58 -34.78 1.18 -31.89
CA PHE A 58 -34.09 1.66 -30.68
C PHE A 58 -35.17 1.98 -29.67
N ASP A 59 -34.89 1.87 -28.38
CA ASP A 59 -35.93 2.29 -27.44
C ASP A 59 -35.48 3.66 -26.97
N GLU A 60 -36.16 4.22 -25.99
CA GLU A 60 -35.82 5.56 -25.50
C GLU A 60 -34.39 5.78 -25.03
N VAL A 61 -33.76 4.72 -24.55
CA VAL A 61 -32.43 4.80 -24.03
C VAL A 61 -31.33 4.47 -25.04
N GLY A 62 -31.70 3.82 -26.14
CA GLY A 62 -30.71 3.49 -27.13
C GLY A 62 -30.37 2.04 -27.31
N ASN A 63 -31.15 1.15 -26.69
CA ASN A 63 -30.90 -0.27 -26.85
C ASN A 63 -31.33 -0.59 -28.27
N LEU A 64 -30.62 -1.50 -28.91
CA LEU A 64 -30.91 -1.88 -30.28
C LEU A 64 -31.54 -3.26 -30.34
N TYR A 65 -32.53 -3.46 -31.21
CA TYR A 65 -33.19 -4.75 -31.32
C TYR A 65 -33.26 -5.38 -32.71
N GLY A 66 -33.35 -6.71 -32.74
CA GLY A 66 -33.47 -7.44 -33.99
C GLY A 66 -34.93 -7.75 -34.32
N ARG A 67 -35.51 -8.73 -33.62
CA ARG A 67 -36.90 -9.15 -33.81
C ARG A 67 -37.29 -9.77 -35.14
N LEU A 68 -37.41 -11.10 -35.12
CA LEU A 68 -37.84 -11.89 -36.26
C LEU A 68 -39.16 -12.35 -35.66
N ASN A 69 -40.26 -11.79 -36.12
CA ASN A 69 -41.58 -12.12 -35.59
C ASN A 69 -42.01 -13.57 -35.72
N GLY A 70 -42.55 -14.10 -34.63
CA GLY A 70 -43.01 -15.47 -34.60
C GLY A 70 -44.33 -15.66 -35.31
N THR A 71 -44.56 -16.88 -35.80
CA THR A 71 -45.78 -17.20 -36.52
C THR A 71 -46.96 -17.57 -35.63
N GLU A 72 -46.68 -18.14 -34.46
CA GLU A 72 -47.74 -18.53 -33.53
C GLU A 72 -47.83 -17.71 -32.26
N TYR A 73 -46.71 -17.25 -31.71
CA TYR A 73 -46.76 -16.44 -30.50
C TYR A 73 -45.93 -15.20 -30.74
N PRO A 74 -46.40 -14.31 -31.63
CA PRO A 74 -45.66 -13.08 -31.93
C PRO A 74 -45.47 -12.17 -30.72
N GLN A 75 -46.39 -12.28 -29.76
CA GLN A 75 -46.30 -11.48 -28.55
C GLN A 75 -45.36 -12.07 -27.51
N GLU A 76 -44.78 -13.23 -27.81
CA GLU A 76 -43.83 -13.86 -26.90
C GLU A 76 -42.43 -13.74 -27.46
N VAL A 77 -41.59 -12.99 -26.75
CA VAL A 77 -40.22 -12.77 -27.19
C VAL A 77 -39.19 -13.58 -26.43
N VAL A 78 -38.30 -14.21 -27.20
CA VAL A 78 -37.18 -15.00 -26.69
C VAL A 78 -35.97 -14.12 -27.04
N LEU A 79 -35.56 -13.33 -26.05
CA LEU A 79 -34.46 -12.37 -26.18
C LEU A 79 -33.04 -12.93 -26.04
N SER A 80 -32.11 -12.26 -26.71
CA SER A 80 -30.68 -12.62 -26.65
C SER A 80 -29.79 -11.45 -27.09
N GLY A 81 -28.80 -11.16 -26.25
CA GLY A 81 -27.86 -10.09 -26.53
C GLY A 81 -26.97 -9.77 -25.34
N SER A 82 -26.23 -8.69 -25.49
CA SER A 82 -25.30 -8.20 -24.47
C SER A 82 -25.02 -6.74 -24.79
N HIS A 83 -24.40 -6.02 -23.86
CA HIS A 83 -24.06 -4.61 -24.01
C HIS A 83 -23.03 -4.38 -25.12
N ILE A 84 -23.00 -3.18 -25.70
CA ILE A 84 -22.03 -2.90 -26.75
C ILE A 84 -20.92 -1.93 -26.35
N ASP A 85 -21.01 -1.34 -25.17
CA ASP A 85 -19.98 -0.40 -24.72
C ASP A 85 -18.85 -1.18 -24.06
N THR A 86 -17.62 -0.69 -24.24
CA THR A 86 -16.45 -1.33 -23.63
C THR A 86 -15.74 -0.36 -22.70
N VAL A 87 -14.77 -0.87 -21.95
CA VAL A 87 -13.99 -0.05 -21.06
C VAL A 87 -12.98 0.60 -21.99
N VAL A 88 -12.33 1.68 -21.56
CA VAL A 88 -11.37 2.40 -22.41
C VAL A 88 -10.45 1.54 -23.29
N ASN A 89 -9.55 0.79 -22.68
CA ASN A 89 -8.69 -0.05 -23.47
C ASN A 89 -9.00 -1.49 -23.15
N GLY A 90 -10.20 -1.92 -23.54
CA GLY A 90 -10.60 -3.28 -23.29
C GLY A 90 -10.45 -4.08 -24.58
N GLY A 91 -11.08 -5.25 -24.60
CA GLY A 91 -11.03 -6.09 -25.78
C GLY A 91 -12.28 -5.98 -26.62
N ASN A 92 -12.37 -6.82 -27.65
CA ASN A 92 -13.49 -6.84 -28.57
C ASN A 92 -14.43 -8.02 -28.36
N LEU A 93 -14.24 -8.75 -27.26
CA LEU A 93 -15.07 -9.92 -26.96
C LEU A 93 -16.02 -9.67 -25.79
N ASP A 94 -15.58 -8.90 -24.82
CA ASP A 94 -16.41 -8.60 -23.68
C ASP A 94 -17.65 -7.82 -24.12
N GLY A 95 -18.82 -8.46 -23.97
CA GLY A 95 -20.09 -7.83 -24.31
C GLY A 95 -20.41 -7.83 -25.79
N GLN A 96 -19.77 -6.91 -26.51
CA GLN A 96 -19.94 -6.75 -27.95
C GLN A 96 -20.14 -8.07 -28.69
N PHE A 97 -19.39 -9.10 -28.31
CA PHE A 97 -19.49 -10.40 -28.98
C PHE A 97 -20.81 -11.14 -28.77
N GLY A 98 -21.39 -10.97 -27.59
CA GLY A 98 -22.64 -11.65 -27.28
C GLY A 98 -23.84 -11.17 -28.09
N ALA A 99 -23.77 -9.92 -28.55
CA ALA A 99 -24.80 -9.31 -29.36
C ALA A 99 -24.59 -9.84 -30.76
N LEU A 100 -23.34 -9.85 -31.20
CA LEU A 100 -22.97 -10.35 -32.51
C LEU A 100 -23.49 -11.77 -32.64
N ALA A 101 -23.13 -12.61 -31.66
CA ALA A 101 -23.53 -14.01 -31.62
C ALA A 101 -25.02 -14.16 -31.79
N ALA A 102 -25.79 -13.37 -31.05
CA ALA A 102 -27.25 -13.41 -31.13
C ALA A 102 -27.75 -13.13 -32.54
N TRP A 103 -27.15 -12.15 -33.22
CA TRP A 103 -27.57 -11.85 -34.58
C TRP A 103 -27.26 -13.02 -35.51
N LEU A 104 -26.10 -13.65 -35.31
CA LEU A 104 -25.65 -14.76 -36.14
C LEU A 104 -26.45 -16.03 -35.96
N ALA A 105 -26.82 -16.35 -34.72
CA ALA A 105 -27.60 -17.56 -34.48
C ALA A 105 -28.97 -17.41 -35.14
N ILE A 106 -29.62 -16.28 -34.86
CA ILE A 106 -30.94 -15.97 -35.41
C ILE A 106 -30.97 -15.93 -36.93
N ASP A 107 -29.94 -15.34 -37.53
CA ASP A 107 -29.86 -15.23 -38.97
C ASP A 107 -29.75 -16.62 -39.60
N TRP A 108 -28.95 -17.47 -38.99
CA TRP A 108 -28.80 -18.83 -39.49
C TRP A 108 -30.11 -19.57 -39.30
N LEU A 109 -30.69 -19.49 -38.10
CA LEU A 109 -31.97 -20.15 -37.84
C LEU A 109 -33.05 -19.65 -38.80
N LYS A 110 -33.13 -18.32 -38.97
CA LYS A 110 -34.09 -17.72 -39.88
C LYS A 110 -33.95 -18.47 -41.20
N THR A 111 -32.83 -18.23 -41.88
CA THR A 111 -32.56 -18.88 -43.17
C THR A 111 -32.16 -20.34 -42.99
N GLN A 112 -33.01 -21.13 -42.34
CA GLN A 112 -32.74 -22.54 -42.12
C GLN A 112 -34.02 -23.30 -41.78
N TYR A 113 -34.80 -22.79 -40.84
CA TYR A 113 -36.05 -23.43 -40.47
C TYR A 113 -37.20 -22.45 -40.68
N GLY A 114 -36.92 -21.34 -41.36
CA GLY A 114 -37.96 -20.36 -41.59
C GLY A 114 -38.25 -19.58 -40.32
N ALA A 115 -39.26 -18.72 -40.37
CA ALA A 115 -39.63 -17.90 -39.21
C ALA A 115 -39.88 -18.76 -37.98
N PRO A 116 -39.64 -18.21 -36.79
CA PRO A 116 -39.85 -18.98 -35.56
C PRO A 116 -41.33 -19.10 -35.25
N LEU A 117 -41.70 -19.98 -34.33
CA LEU A 117 -43.10 -20.09 -33.99
C LEU A 117 -43.39 -19.28 -32.75
N ARG A 118 -42.54 -18.28 -32.56
CA ARG A 118 -42.65 -17.28 -31.50
C ARG A 118 -41.46 -16.38 -31.75
N THR A 119 -41.68 -15.08 -31.58
CA THR A 119 -40.67 -14.07 -31.86
C THR A 119 -39.33 -14.15 -31.16
N VAL A 120 -38.26 -14.00 -31.94
CA VAL A 120 -36.89 -13.96 -31.44
C VAL A 120 -36.37 -12.54 -31.62
N GLU A 121 -35.52 -12.09 -30.71
CA GLU A 121 -35.03 -10.71 -30.79
C GLU A 121 -33.61 -10.55 -30.26
N VAL A 122 -32.72 -10.05 -31.11
CA VAL A 122 -31.33 -9.78 -30.74
C VAL A 122 -31.35 -8.43 -30.02
N VAL A 123 -30.41 -8.20 -29.11
CA VAL A 123 -30.35 -6.91 -28.44
C VAL A 123 -28.89 -6.51 -28.18
N ALA A 124 -28.58 -5.27 -28.54
CA ALA A 124 -27.24 -4.70 -28.32
C ALA A 124 -27.54 -3.65 -27.27
N MSE A 125 -27.45 -4.03 -25.99
CA MSE A 125 -27.78 -3.10 -24.92
C MSE A 125 -26.92 -1.83 -24.81
O MSE A 125 -25.72 -1.82 -25.14
CB MSE A 125 -27.85 -3.85 -23.57
CG MSE A 125 -29.15 -4.64 -23.44
SE MSE A 125 -29.35 -5.60 -21.93
CE MSE A 125 -28.67 -7.17 -22.46
N ALA A 126 -27.56 -0.73 -24.38
CA ALA A 126 -26.92 0.57 -24.25
C ALA A 126 -25.61 0.51 -23.49
N GLU A 127 -25.63 0.05 -22.24
CA GLU A 127 -24.40 -0.03 -21.46
C GLU A 127 -24.45 -0.82 -20.16
N GLU A 128 -23.36 -1.53 -19.89
CA GLU A 128 -23.17 -2.33 -18.68
C GLU A 128 -21.80 -1.84 -18.22
N GLU A 129 -21.30 -2.36 -17.10
CA GLU A 129 -19.98 -1.94 -16.58
C GLU A 129 -19.75 -0.43 -16.77
N GLY A 130 -20.07 0.34 -15.73
CA GLY A 130 -19.94 1.79 -15.76
C GLY A 130 -18.62 2.37 -16.26
N SER A 131 -18.65 2.88 -17.48
CA SER A 131 -17.45 3.48 -18.07
C SER A 131 -17.51 4.99 -17.91
N ARG A 132 -18.06 5.65 -18.92
CA ARG A 132 -18.19 7.10 -19.01
C ARG A 132 -18.91 7.84 -17.87
N PHE A 133 -20.14 7.48 -17.54
CA PHE A 133 -20.88 8.15 -16.48
C PHE A 133 -21.06 7.35 -15.21
N PRO A 134 -21.23 8.03 -14.05
CA PRO A 134 -21.40 7.34 -12.78
C PRO A 134 -22.75 6.63 -12.64
N TYR A 135 -22.98 5.66 -13.51
CA TYR A 135 -24.22 4.88 -13.49
C TYR A 135 -23.90 3.61 -14.26
N VAL A 136 -24.42 2.48 -13.77
CA VAL A 136 -24.19 1.19 -14.43
C VAL A 136 -25.52 0.51 -14.77
N PHE A 137 -25.57 -0.15 -15.93
CA PHE A 137 -26.77 -0.84 -16.39
C PHE A 137 -27.86 0.08 -16.94
N TRP A 138 -27.48 1.26 -17.42
CA TRP A 138 -28.46 2.21 -17.96
C TRP A 138 -29.26 1.58 -19.09
N GLY A 139 -28.78 0.45 -19.61
CA GLY A 139 -29.50 -0.22 -20.68
C GLY A 139 -30.50 -1.23 -20.17
N SER A 140 -30.02 -2.29 -19.53
CA SER A 140 -30.91 -3.32 -19.03
C SER A 140 -31.83 -2.84 -17.91
N LYS A 141 -31.52 -1.72 -17.28
CA LYS A 141 -32.38 -1.19 -16.22
C LYS A 141 -33.61 -0.43 -16.76
N ASN A 142 -33.42 0.25 -17.88
CA ASN A 142 -34.48 1.02 -18.53
C ASN A 142 -35.51 0.07 -19.14
N ILE A 143 -35.03 -1.09 -19.58
CA ILE A 143 -35.90 -2.09 -20.18
C ILE A 143 -36.95 -2.57 -19.18
N PHE A 144 -36.67 -2.46 -17.90
CA PHE A 144 -37.64 -2.88 -16.91
C PHE A 144 -38.10 -1.71 -16.05
N GLY A 145 -37.79 -0.51 -16.54
CA GLY A 145 -38.20 0.71 -15.85
C GLY A 145 -37.67 0.81 -14.45
N LEU A 146 -36.37 0.59 -14.30
CA LEU A 146 -35.73 0.68 -13.00
C LEU A 146 -34.81 1.90 -12.97
N ALA A 147 -34.74 2.58 -14.11
CA ALA A 147 -33.89 3.74 -14.28
C ALA A 147 -34.18 4.99 -13.42
N ASN A 148 -35.23 5.72 -13.76
CA ASN A 148 -35.55 6.97 -13.04
C ASN A 148 -34.54 7.99 -13.55
N PRO A 149 -34.96 8.80 -14.53
CA PRO A 149 -34.10 9.82 -15.13
C PRO A 149 -33.43 10.74 -14.10
N ASP A 150 -34.06 10.86 -12.92
CA ASP A 150 -33.53 11.73 -11.88
C ASP A 150 -32.33 11.13 -11.18
N ASP A 151 -31.56 10.31 -11.91
CA ASP A 151 -30.37 9.67 -11.37
C ASP A 151 -29.19 10.08 -12.24
N VAL A 152 -29.49 10.60 -13.42
CA VAL A 152 -28.49 11.02 -14.39
C VAL A 152 -28.86 12.33 -15.07
N ASN A 161 -19.29 16.96 -19.52
CA ASN A 161 -20.14 16.34 -20.53
C ASN A 161 -21.45 15.91 -19.94
N SER A 162 -22.50 16.66 -20.24
CA SER A 162 -23.82 16.34 -19.72
C SER A 162 -24.34 15.00 -20.23
N PHE A 163 -24.82 14.17 -19.31
CA PHE A 163 -25.37 12.86 -19.67
C PHE A 163 -26.45 13.11 -20.72
N VAL A 164 -27.33 14.06 -20.40
CA VAL A 164 -28.44 14.44 -21.26
C VAL A 164 -27.99 14.92 -22.63
N ASP A 165 -26.93 15.72 -22.65
CA ASP A 165 -26.37 16.24 -23.89
C ASP A 165 -25.78 15.11 -24.73
N ALA A 166 -25.01 14.23 -24.09
CA ALA A 166 -24.40 13.09 -24.76
C ALA A 166 -25.54 12.29 -25.38
N MSE A 167 -26.50 11.93 -24.53
CA MSE A 167 -27.69 11.18 -24.91
C MSE A 167 -28.48 11.89 -26.02
O MSE A 167 -28.98 11.26 -26.96
CB MSE A 167 -28.55 10.98 -23.66
CG MSE A 167 -29.80 10.16 -23.83
SE MSE A 167 -30.55 9.85 -22.23
CE MSE A 167 -31.68 8.58 -22.70
N LYS A 168 -28.60 13.21 -25.92
CA LYS A 168 -29.33 13.97 -26.92
C LYS A 168 -28.57 14.07 -28.23
N ALA A 169 -27.24 14.07 -28.13
CA ALA A 169 -26.35 14.16 -29.29
C ALA A 169 -26.52 12.92 -30.17
N CYS A 170 -26.98 11.84 -29.54
CA CYS A 170 -27.19 10.57 -30.21
C CYS A 170 -28.66 10.35 -30.57
N GLY A 171 -29.46 11.40 -30.42
CA GLY A 171 -30.87 11.31 -30.74
C GLY A 171 -31.73 10.67 -29.66
N PHE A 172 -31.38 10.89 -28.39
CA PHE A 172 -32.15 10.33 -27.29
C PHE A 172 -32.41 11.38 -26.21
N THR A 173 -33.48 11.19 -25.46
CA THR A 173 -33.88 12.11 -24.40
C THR A 173 -34.37 11.31 -23.19
N LEU A 174 -33.74 11.49 -22.03
CA LEU A 174 -34.20 10.77 -20.86
C LEU A 174 -35.58 11.31 -20.56
N PRO A 175 -36.56 10.44 -20.29
CA PRO A 175 -37.92 10.89 -19.98
C PRO A 175 -37.97 11.63 -18.65
N ASN A 176 -39.16 12.01 -18.21
CA ASN A 176 -39.28 12.71 -16.95
C ASN A 176 -39.58 11.74 -15.80
N ALA A 177 -39.65 10.46 -16.14
CA ALA A 177 -39.91 9.39 -15.18
C ALA A 177 -39.58 8.08 -15.86
N PRO A 178 -39.38 7.00 -15.06
CA PRO A 178 -39.06 5.65 -15.55
C PRO A 178 -39.90 5.14 -16.70
N LEU A 179 -39.28 4.31 -17.54
CA LEU A 179 -39.95 3.73 -18.70
C LEU A 179 -40.92 2.65 -18.25
N THR A 180 -41.67 2.11 -19.20
CA THR A 180 -42.61 1.06 -18.90
C THR A 180 -41.87 -0.25 -19.01
N PRO A 181 -41.83 -1.05 -17.94
CA PRO A 181 -41.14 -2.34 -17.96
C PRO A 181 -41.67 -3.31 -19.01
N ARG A 182 -40.84 -3.74 -19.94
CA ARG A 182 -41.28 -4.70 -20.95
C ARG A 182 -41.87 -5.90 -20.25
N GLN A 183 -42.97 -6.43 -20.78
CA GLN A 183 -43.57 -7.62 -20.18
C GLN A 183 -43.89 -8.70 -21.20
N ASP A 184 -43.24 -8.61 -22.36
CA ASP A 184 -43.46 -9.58 -23.41
C ASP A 184 -42.26 -10.51 -23.53
N ILE A 185 -41.27 -10.26 -22.68
CA ILE A 185 -40.04 -11.06 -22.64
C ILE A 185 -40.37 -12.40 -22.00
N LYS A 186 -40.26 -13.48 -22.78
CA LYS A 186 -40.55 -14.79 -22.25
C LYS A 186 -39.26 -15.53 -21.89
N ALA A 187 -38.13 -15.02 -22.37
CA ALA A 187 -36.83 -15.64 -22.11
C ALA A 187 -35.64 -14.80 -22.57
N PHE A 188 -34.57 -14.80 -21.78
CA PHE A 188 -33.36 -14.06 -22.08
C PHE A 188 -32.11 -14.92 -21.85
N VAL A 189 -31.27 -15.01 -22.87
CA VAL A 189 -30.03 -15.77 -22.76
C VAL A 189 -28.87 -14.90 -23.20
N GLU A 190 -27.89 -14.77 -22.31
CA GLU A 190 -26.71 -13.98 -22.58
C GLU A 190 -25.52 -14.90 -22.75
N LEU A 191 -24.77 -14.67 -23.83
CA LEU A 191 -23.58 -15.43 -24.17
C LEU A 191 -22.45 -14.45 -23.82
N HIS A 192 -21.58 -14.84 -22.90
CA HIS A 192 -20.51 -13.94 -22.52
C HIS A 192 -19.23 -14.72 -22.34
N ILE A 193 -18.09 -14.07 -22.59
CA ILE A 193 -16.82 -14.74 -22.39
C ILE A 193 -16.76 -14.96 -20.87
N GLU A 194 -16.06 -16.00 -20.42
CA GLU A 194 -15.95 -16.25 -18.98
C GLU A 194 -15.30 -15.08 -18.22
N GLN A 195 -14.18 -14.56 -18.73
CA GLN A 195 -13.45 -13.47 -18.06
C GLN A 195 -12.66 -14.08 -16.90
N GLY A 196 -12.71 -15.41 -16.83
CA GLY A 196 -11.99 -16.16 -15.81
C GLY A 196 -10.97 -17.07 -16.50
N CYS A 197 -10.69 -18.24 -15.91
CA CYS A 197 -9.73 -19.17 -16.49
C CYS A 197 -10.08 -20.60 -16.14
N VAL A 198 -11.30 -20.81 -15.63
CA VAL A 198 -11.77 -22.14 -15.27
C VAL A 198 -11.89 -23.05 -16.50
N LEU A 199 -12.65 -22.59 -17.50
CA LEU A 199 -12.85 -23.34 -18.73
C LEU A 199 -11.54 -23.61 -19.45
N GLU A 200 -10.76 -22.55 -19.66
CA GLU A 200 -9.50 -22.69 -20.35
C GLU A 200 -8.60 -23.68 -19.66
N SER A 201 -8.53 -23.58 -18.34
CA SER A 201 -7.71 -24.47 -17.54
C SER A 201 -8.24 -25.90 -17.58
N ASN A 202 -9.54 -26.09 -17.32
CA ASN A 202 -10.12 -27.42 -17.33
C ASN A 202 -10.28 -28.04 -18.74
N GLY A 203 -9.92 -27.27 -19.76
CA GLY A 203 -10.02 -27.75 -21.13
C GLY A 203 -11.43 -27.83 -21.69
N GLN A 204 -12.35 -27.04 -21.13
CA GLN A 204 -13.73 -27.06 -21.57
C GLN A 204 -14.13 -25.83 -22.39
N SER A 205 -15.14 -25.99 -23.24
CA SER A 205 -15.58 -24.92 -24.14
C SER A 205 -16.84 -24.12 -23.78
N ILE A 206 -17.87 -24.81 -23.29
CA ILE A 206 -19.09 -24.13 -22.93
C ILE A 206 -19.36 -24.24 -21.44
N GLY A 207 -19.75 -23.13 -20.83
CA GLY A 207 -20.06 -23.12 -19.42
C GLY A 207 -21.53 -22.79 -19.20
N VAL A 208 -22.24 -23.68 -18.50
CA VAL A 208 -23.65 -23.46 -18.21
C VAL A 208 -23.71 -22.79 -16.85
N VAL A 209 -23.65 -21.46 -16.83
CA VAL A 209 -23.68 -20.74 -15.56
C VAL A 209 -25.07 -20.80 -14.88
N ASN A 210 -25.10 -21.41 -13.70
CA ASN A 210 -26.34 -21.57 -12.97
C ASN A 210 -26.64 -20.41 -12.04
N ALA A 211 -25.69 -19.48 -11.91
CA ALA A 211 -25.91 -18.34 -11.03
C ALA A 211 -24.85 -17.27 -11.20
N ILE A 212 -25.14 -16.09 -10.68
CA ILE A 212 -24.23 -14.97 -10.73
C ILE A 212 -23.90 -14.65 -9.28
N VAL A 213 -22.62 -14.55 -8.98
CA VAL A 213 -22.19 -14.32 -7.62
C VAL A 213 -22.68 -12.99 -7.02
N GLY A 214 -22.77 -12.94 -5.70
CA GLY A 214 -23.18 -11.73 -4.99
C GLY A 214 -21.91 -11.10 -4.44
N GLN A 215 -21.91 -9.79 -4.23
CA GLN A 215 -20.70 -9.13 -3.74
C GLN A 215 -20.83 -8.26 -2.52
N ARG A 216 -19.73 -8.17 -1.79
CA ARG A 216 -19.60 -7.34 -0.60
C ARG A 216 -18.24 -6.70 -0.77
N ARG A 217 -18.10 -5.45 -0.38
CA ARG A 217 -16.82 -4.77 -0.50
C ARG A 217 -16.69 -3.85 0.67
N TYR A 218 -15.49 -3.82 1.25
CA TYR A 218 -15.26 -3.00 2.43
C TYR A 218 -14.07 -2.08 2.29
N THR A 219 -14.00 -1.14 3.23
CA THR A 219 -12.89 -0.20 3.34
C THR A 219 -12.74 -0.20 4.84
N VAL A 220 -11.67 -0.82 5.31
CA VAL A 220 -11.40 -0.96 6.73
C VAL A 220 -10.15 -0.20 7.13
N THR A 221 -10.25 0.69 8.11
CA THR A 221 -9.07 1.44 8.52
C THR A 221 -8.53 0.94 9.84
N LEU A 222 -7.21 0.77 9.91
CA LEU A 222 -6.56 0.32 11.12
C LEU A 222 -5.80 1.51 11.71
N ASN A 223 -5.98 1.77 13.00
CA ASN A 223 -5.31 2.90 13.66
C ASN A 223 -4.55 2.51 14.91
N GLY A 224 -3.22 2.41 14.79
CA GLY A 224 -2.39 2.05 15.92
C GLY A 224 -1.55 3.25 16.28
N GLU A 225 -0.22 3.14 16.19
CA GLU A 225 0.66 4.25 16.49
C GLU A 225 1.96 4.25 15.71
N SER A 226 2.22 5.31 14.97
CA SER A 226 3.44 5.44 14.15
C SER A 226 4.67 5.73 15.00
N ASN A 227 5.59 4.77 15.10
CA ASN A 227 6.80 4.95 15.92
C ASN A 227 8.11 4.80 15.15
N HIS A 228 9.22 4.80 15.89
CA HIS A 228 10.57 4.66 15.33
C HIS A 228 10.80 3.16 15.14
N ALA A 229 11.37 2.75 14.00
CA ALA A 229 11.61 1.33 13.73
C ALA A 229 12.77 0.72 14.54
N GLY A 230 13.61 1.56 15.13
CA GLY A 230 14.72 1.05 15.89
C GLY A 230 14.68 1.32 17.38
N THR A 231 14.31 2.54 17.76
CA THR A 231 14.27 2.93 19.17
C THR A 231 13.02 2.51 19.92
N THR A 232 12.16 1.73 19.27
CA THR A 232 10.90 1.28 19.87
C THR A 232 10.84 -0.23 20.06
N PRO A 233 10.98 -0.69 21.31
CA PRO A 233 10.91 -2.14 21.54
C PRO A 233 9.64 -2.77 20.98
N MSE A 234 9.73 -4.05 20.62
CA MSE A 234 8.59 -4.74 20.03
C MSE A 234 7.34 -4.90 20.91
O MSE A 234 6.25 -5.16 20.41
CB MSE A 234 9.05 -6.12 19.50
CG MSE A 234 10.12 -6.10 18.38
SE MSE A 234 9.61 -5.48 16.75
CE MSE A 234 9.24 -7.03 15.98
N GLY A 235 7.48 -4.73 22.23
CA GLY A 235 6.32 -4.87 23.09
C GLY A 235 5.65 -3.55 23.38
N TYR A 236 6.19 -2.47 22.82
CA TYR A 236 5.59 -1.15 23.02
C TYR A 236 4.95 -0.76 21.71
N ARG A 237 4.94 -1.68 20.76
CA ARG A 237 4.40 -1.39 19.46
C ARG A 237 2.91 -1.65 19.22
N ARG A 238 2.38 -0.97 18.20
CA ARG A 238 1.01 -1.10 17.75
C ARG A 238 1.05 -0.97 16.22
N ASP A 239 1.79 -1.91 15.64
CA ASP A 239 2.02 -2.01 14.20
C ASP A 239 0.71 -2.26 13.47
N THR A 240 0.32 -1.33 12.61
CA THR A 240 -0.90 -1.46 11.85
C THR A 240 -0.72 -2.33 10.61
N VAL A 241 0.52 -2.55 10.20
CA VAL A 241 0.79 -3.38 9.04
C VAL A 241 0.98 -4.83 9.45
N TYR A 242 1.37 -5.04 10.71
CA TYR A 242 1.53 -6.38 11.25
C TYR A 242 0.09 -6.86 11.38
N ALA A 243 -0.73 -5.98 11.95
CA ALA A 243 -2.16 -6.23 12.15
C ALA A 243 -2.88 -6.62 10.84
N PHE A 244 -2.66 -5.87 9.77
CA PHE A 244 -3.27 -6.18 8.48
C PHE A 244 -2.82 -7.57 8.06
N SER A 245 -1.51 -7.83 8.13
CA SER A 245 -0.93 -9.13 7.77
C SER A 245 -1.67 -10.27 8.47
N ARG A 246 -1.82 -10.12 9.77
CA ARG A 246 -2.51 -11.08 10.61
C ARG A 246 -3.93 -11.31 10.10
N ILE A 247 -4.62 -10.21 9.80
CA ILE A 247 -5.99 -10.29 9.29
C ILE A 247 -6.11 -10.95 7.92
N CYS A 248 -5.31 -10.49 6.97
CA CYS A 248 -5.33 -11.04 5.62
C CYS A 248 -4.91 -12.51 5.62
N HIS A 249 -3.74 -12.80 6.18
CA HIS A 249 -3.22 -14.17 6.26
C HIS A 249 -4.25 -15.11 6.87
N GLN A 250 -4.68 -14.79 8.09
CA GLN A 250 -5.63 -15.60 8.81
C GLN A 250 -6.98 -15.81 8.14
N SER A 251 -7.54 -14.76 7.56
CA SER A 251 -8.85 -14.83 6.90
C SER A 251 -8.88 -15.61 5.59
N VAL A 252 -7.88 -15.39 4.74
CA VAL A 252 -7.80 -16.09 3.47
C VAL A 252 -7.75 -17.60 3.73
N GLU A 253 -7.20 -17.97 4.88
CA GLU A 253 -7.15 -19.37 5.27
C GLU A 253 -8.60 -19.87 5.36
N LYS A 254 -9.35 -19.25 6.25
CA LYS A 254 -10.75 -19.59 6.43
C LYS A 254 -11.47 -19.60 5.10
N ALA A 255 -11.10 -18.67 4.23
CA ALA A 255 -11.72 -18.56 2.91
C ALA A 255 -11.51 -19.82 2.06
N LYS A 256 -10.23 -20.17 1.86
CA LYS A 256 -9.87 -21.37 1.10
C LYS A 256 -10.42 -22.64 1.73
N ARG A 257 -10.53 -22.67 3.05
CA ARG A 257 -11.08 -23.84 3.70
C ARG A 257 -12.51 -23.95 3.23
N MSE A 258 -13.18 -22.82 3.17
CA MSE A 258 -14.57 -22.76 2.71
C MSE A 258 -14.71 -23.33 1.29
O MSE A 258 -15.69 -23.95 0.95
CB MSE A 258 -15.08 -21.31 2.72
CG MSE A 258 -15.33 -20.74 4.10
SE MSE A 258 -16.81 -21.39 4.80
CE MSE A 258 -17.98 -20.65 3.68
N GLY A 259 -13.70 -23.06 0.47
CA GLY A 259 -13.73 -23.57 -0.89
C GLY A 259 -14.72 -22.91 -1.81
N ASP A 260 -14.53 -23.11 -3.10
CA ASP A 260 -15.40 -22.55 -4.13
C ASP A 260 -16.87 -22.64 -3.69
N PRO A 261 -17.71 -21.73 -4.17
CA PRO A 261 -17.43 -20.61 -5.07
C PRO A 261 -16.89 -19.38 -4.36
N LEU A 262 -16.54 -19.52 -3.08
CA LEU A 262 -16.06 -18.37 -2.31
C LEU A 262 -14.68 -17.90 -2.74
N VAL A 263 -14.56 -16.57 -2.89
CA VAL A 263 -13.34 -15.89 -3.26
C VAL A 263 -13.23 -14.71 -2.30
N LEU A 264 -11.99 -14.38 -1.88
CA LEU A 264 -11.71 -13.29 -0.94
C LEU A 264 -10.50 -12.49 -1.41
N THR A 265 -10.54 -11.16 -1.34
CA THR A 265 -9.40 -10.38 -1.78
C THR A 265 -9.05 -9.21 -0.86
N PHE A 266 -7.79 -8.83 -0.88
CA PHE A 266 -7.24 -7.70 -0.13
C PHE A 266 -6.37 -7.04 -1.20
N GLY A 267 -7.03 -6.53 -2.23
CA GLY A 267 -6.34 -5.94 -3.35
C GLY A 267 -5.66 -4.61 -3.16
N LYS A 268 -6.16 -3.80 -2.23
CA LYS A 268 -5.60 -2.46 -2.00
C LYS A 268 -5.15 -2.21 -0.54
N VAL A 269 -3.95 -1.66 -0.37
CA VAL A 269 -3.43 -1.37 0.96
C VAL A 269 -2.69 -0.02 0.97
N GLU A 270 -2.96 0.80 1.98
CA GLU A 270 -2.33 2.10 2.11
C GLU A 270 -1.82 2.35 3.54
N PRO A 271 -0.58 1.92 3.83
CA PRO A 271 -0.05 2.15 5.18
C PRO A 271 0.51 3.56 5.24
N ARG A 272 0.42 4.20 6.41
CA ARG A 272 0.95 5.54 6.58
C ARG A 272 1.91 5.52 7.77
N PRO A 273 3.06 6.19 7.66
CA PRO A 273 3.54 6.96 6.52
C PRO A 273 4.03 6.18 5.29
N ASN A 274 4.28 4.88 5.46
CA ASN A 274 4.76 3.99 4.39
C ASN A 274 6.24 4.24 4.10
N THR A 275 7.06 4.08 5.13
CA THR A 275 8.49 4.31 5.01
C THR A 275 9.21 3.26 5.82
N VAL A 276 10.24 2.67 5.20
CA VAL A 276 11.03 1.58 5.79
C VAL A 276 11.34 1.61 7.28
N ASN A 277 11.77 2.76 7.78
CA ASN A 277 12.16 2.85 9.17
C ASN A 277 11.15 3.51 10.11
N VAL A 278 9.88 3.42 9.75
CA VAL A 278 8.80 3.99 10.56
C VAL A 278 7.69 2.98 10.73
N VAL A 279 7.35 2.63 11.96
CA VAL A 279 6.27 1.68 12.20
C VAL A 279 4.95 2.35 11.76
N PRO A 280 4.32 1.83 10.70
CA PRO A 280 3.06 2.41 10.21
C PRO A 280 2.02 2.56 11.31
N GLY A 281 1.48 3.75 11.47
CA GLY A 281 0.48 3.98 12.50
C GLY A 281 -0.93 3.77 12.02
N LYS A 282 -1.16 3.95 10.73
CA LYS A 282 -2.48 3.78 10.19
C LYS A 282 -2.33 2.91 8.96
N THR A 283 -3.41 2.30 8.54
CA THR A 283 -3.41 1.49 7.34
C THR A 283 -4.83 1.33 6.86
N THR A 284 -5.10 1.86 5.67
CA THR A 284 -6.41 1.73 5.07
C THR A 284 -6.24 0.65 4.00
N PHE A 285 -7.05 -0.40 4.09
CA PHE A 285 -7.00 -1.48 3.13
C PHE A 285 -8.44 -1.87 2.79
N THR A 286 -8.60 -2.61 1.69
CA THR A 286 -9.92 -2.99 1.22
C THR A 286 -10.16 -4.50 1.27
N ILE A 287 -11.37 -4.92 0.93
CA ILE A 287 -11.73 -6.34 0.92
C ILE A 287 -12.79 -6.59 -0.13
N ASP A 288 -12.65 -7.70 -0.85
CA ASP A 288 -13.60 -8.09 -1.89
C ASP A 288 -14.01 -9.56 -1.72
N CYS A 289 -15.20 -9.79 -1.21
CA CYS A 289 -15.71 -11.13 -1.00
C CYS A 289 -16.93 -11.41 -1.87
N ARG A 290 -16.95 -12.58 -2.53
CA ARG A 290 -18.08 -12.94 -3.40
C ARG A 290 -18.50 -14.41 -3.21
N HIS A 291 -19.80 -14.68 -3.27
CA HIS A 291 -20.31 -16.05 -3.13
C HIS A 291 -21.71 -16.17 -3.75
N THR A 292 -22.12 -17.38 -4.17
CA THR A 292 -23.44 -17.53 -4.79
C THR A 292 -24.61 -17.71 -3.82
N ASP A 293 -24.32 -17.84 -2.52
CA ASP A 293 -25.36 -18.00 -1.51
C ASP A 293 -25.30 -16.80 -0.57
N ALA A 294 -26.34 -15.97 -0.54
CA ALA A 294 -26.34 -14.79 0.31
C ALA A 294 -26.13 -15.06 1.80
N ALA A 295 -26.49 -16.25 2.25
CA ALA A 295 -26.30 -16.58 3.67
C ALA A 295 -24.82 -16.89 3.92
N VAL A 296 -24.25 -17.74 3.07
CA VAL A 296 -22.84 -18.07 3.20
C VAL A 296 -22.02 -16.79 3.10
N LEU A 297 -22.43 -15.89 2.22
CA LEU A 297 -21.73 -14.64 1.99
C LEU A 297 -21.79 -13.68 3.17
N ARG A 298 -22.97 -13.58 3.76
CA ARG A 298 -23.18 -12.70 4.89
C ARG A 298 -22.64 -13.29 6.19
N ASP A 299 -22.91 -14.57 6.44
CA ASP A 299 -22.41 -15.20 7.64
C ASP A 299 -20.90 -15.14 7.67
N PHE A 300 -20.28 -15.41 6.52
CA PHE A 300 -18.83 -15.41 6.41
C PHE A 300 -18.18 -14.06 6.56
N THR A 301 -18.66 -13.07 5.80
CA THR A 301 -18.08 -11.73 5.89
C THR A 301 -18.24 -11.15 7.30
N GLN A 302 -19.26 -11.59 8.03
CA GLN A 302 -19.46 -11.11 9.40
C GLN A 302 -18.57 -11.89 10.37
N GLN A 303 -18.24 -13.13 10.00
CA GLN A 303 -17.36 -13.96 10.81
C GLN A 303 -16.03 -13.22 10.71
N LEU A 304 -15.77 -12.68 9.52
CA LEU A 304 -14.55 -11.94 9.27
C LEU A 304 -14.52 -10.66 10.08
N GLU A 305 -15.61 -9.89 10.00
CA GLU A 305 -15.67 -8.63 10.74
C GLU A 305 -15.37 -8.88 12.21
N ASN A 306 -15.80 -10.02 12.75
CA ASN A 306 -15.55 -10.32 14.17
C ASN A 306 -14.11 -10.68 14.41
N ASP A 307 -13.51 -11.45 13.50
CA ASP A 307 -12.11 -11.84 13.62
C ASP A 307 -11.20 -10.63 13.62
N MSE A 308 -11.54 -9.62 12.80
CA MSE A 308 -10.73 -8.40 12.67
C MSE A 308 -10.74 -7.56 13.94
O MSE A 308 -9.67 -7.14 14.42
CB MSE A 308 -11.25 -7.52 11.52
CG MSE A 308 -11.09 -8.13 10.14
SE MSE A 308 -11.14 -6.99 8.74
CE MSE A 308 -12.85 -6.50 8.68
N ARG A 309 -11.93 -7.31 14.47
CA ARG A 309 -12.02 -6.52 15.67
C ARG A 309 -11.53 -7.31 16.88
N ALA A 310 -11.62 -8.64 16.80
CA ALA A 310 -11.10 -9.47 17.87
C ALA A 310 -9.58 -9.28 17.90
N ILE A 311 -9.00 -9.33 16.70
CA ILE A 311 -7.56 -9.14 16.50
C ILE A 311 -7.11 -7.73 16.86
N CYS A 312 -8.03 -6.76 16.79
CA CYS A 312 -7.68 -5.39 17.09
C CYS A 312 -7.88 -4.95 18.53
N ASP A 313 -8.86 -5.52 19.22
CA ASP A 313 -9.09 -5.19 20.63
C ASP A 313 -7.88 -5.74 21.39
N GLU A 314 -7.31 -6.80 20.81
CA GLU A 314 -6.15 -7.49 21.36
C GLU A 314 -4.82 -6.77 21.25
N MSE A 315 -4.47 -6.24 20.08
CA MSE A 315 -3.20 -5.55 20.03
C MSE A 315 -3.37 -4.06 20.16
O MSE A 315 -2.53 -3.26 19.75
CB MSE A 315 -2.37 -5.93 18.78
CG MSE A 315 -2.92 -5.65 17.40
SE MSE A 315 -1.84 -6.52 16.16
CE MSE A 315 -2.99 -7.57 15.50
N ASP A 316 -4.50 -3.71 20.77
CA ASP A 316 -4.89 -2.35 21.07
C ASP A 316 -4.88 -1.38 19.88
N ILE A 317 -5.49 -1.80 18.79
CA ILE A 317 -5.57 -0.96 17.60
C ILE A 317 -7.04 -0.68 17.30
N GLY A 318 -7.36 0.56 16.96
CA GLY A 318 -8.73 0.92 16.66
C GLY A 318 -9.04 0.76 15.19
N ILE A 319 -10.26 0.31 14.88
CA ILE A 319 -10.63 0.14 13.48
C ILE A 319 -12.02 0.64 13.10
N ASP A 320 -12.17 0.99 11.84
CA ASP A 320 -13.44 1.44 11.28
C ASP A 320 -13.70 0.47 10.12
N ILE A 321 -14.78 -0.29 10.20
CA ILE A 321 -15.13 -1.22 9.14
C ILE A 321 -16.25 -0.55 8.35
N ASP A 322 -16.05 -0.41 7.04
CA ASP A 322 -17.04 0.23 6.19
C ASP A 322 -17.47 -0.69 5.06
N LEU A 323 -18.64 -1.29 5.22
CA LEU A 323 -19.17 -2.20 4.22
C LEU A 323 -19.97 -1.41 3.17
N TRP A 324 -19.26 -0.71 2.28
CA TRP A 324 -19.91 0.12 1.26
C TRP A 324 -20.61 -0.59 0.09
N MSE A 325 -20.19 -1.80 -0.28
CA MSE A 325 -20.89 -2.52 -1.35
C MSE A 325 -21.43 -3.85 -0.84
O MSE A 325 -20.70 -4.68 -0.30
CB MSE A 325 -19.99 -2.82 -2.56
CG MSE A 325 -20.67 -3.77 -3.57
SE MSE A 325 -19.83 -4.06 -5.15
CE MSE A 325 -20.09 -2.47 -5.93
N ASP A 326 -22.74 -4.06 -0.99
CA ASP A 326 -23.35 -5.30 -0.53
C ASP A 326 -24.49 -5.66 -1.47
N GLU A 327 -24.18 -6.48 -2.48
CA GLU A 327 -25.15 -6.93 -3.48
C GLU A 327 -25.46 -8.42 -3.36
N GLU A 328 -26.73 -8.78 -3.47
CA GLU A 328 -27.17 -10.15 -3.31
C GLU A 328 -27.00 -11.02 -4.54
N PRO A 329 -26.71 -12.33 -4.34
CA PRO A 329 -26.53 -13.25 -5.48
C PRO A 329 -27.80 -13.27 -6.33
N VAL A 330 -27.68 -13.75 -7.56
CA VAL A 330 -28.80 -13.80 -8.50
C VAL A 330 -28.69 -15.11 -9.26
N PRO A 331 -29.65 -16.03 -9.07
CA PRO A 331 -29.63 -17.33 -9.75
C PRO A 331 -30.32 -17.42 -11.13
N MSE A 332 -29.63 -17.96 -12.11
CA MSE A 332 -30.23 -18.11 -13.42
C MSE A 332 -31.42 -19.06 -13.25
O MSE A 332 -31.44 -19.89 -12.33
CB MSE A 332 -29.23 -18.68 -14.44
CG MSE A 332 -27.96 -17.85 -14.69
SE MSE A 332 -28.14 -16.07 -14.70
CE MSE A 332 -28.82 -15.81 -16.21
N ASN A 333 -32.41 -18.92 -14.12
CA ASN A 333 -33.63 -19.73 -14.09
C ASN A 333 -33.39 -21.23 -14.24
N LYS A 334 -33.95 -22.00 -13.31
CA LYS A 334 -33.80 -23.46 -13.28
C LYS A 334 -34.24 -24.22 -14.52
N GLU A 335 -35.44 -23.94 -15.02
CA GLU A 335 -35.91 -24.62 -16.22
C GLU A 335 -34.94 -24.35 -17.38
N LEU A 336 -34.63 -23.08 -17.62
CA LEU A 336 -33.73 -22.71 -18.71
C LEU A 336 -32.35 -23.32 -18.58
N VAL A 337 -31.86 -23.46 -17.35
CA VAL A 337 -30.56 -24.05 -17.14
C VAL A 337 -30.62 -25.54 -17.49
N ALA A 338 -31.67 -26.22 -17.01
CA ALA A 338 -31.84 -27.64 -17.27
C ALA A 338 -31.86 -27.85 -18.78
N THR A 339 -32.82 -27.21 -19.45
CA THR A 339 -32.98 -27.28 -20.89
C THR A 339 -31.65 -27.14 -21.61
N LEU A 340 -30.81 -26.25 -21.09
CA LEU A 340 -29.50 -25.99 -21.65
C LEU A 340 -28.67 -27.24 -21.46
N THR A 341 -28.41 -27.56 -20.19
CA THR A 341 -27.63 -28.73 -19.84
C THR A 341 -28.07 -29.96 -20.61
N GLU A 342 -29.39 -30.09 -20.78
CA GLU A 342 -29.96 -31.21 -21.50
C GLU A 342 -29.49 -31.19 -22.95
N LEU A 343 -29.31 -29.99 -23.51
CA LEU A 343 -28.87 -29.92 -24.90
C LEU A 343 -27.37 -30.00 -24.97
N CYS A 344 -26.72 -29.74 -23.85
CA CYS A 344 -25.27 -29.85 -23.79
C CYS A 344 -24.95 -31.34 -23.62
N GLU A 345 -26.01 -32.13 -23.54
CA GLU A 345 -25.93 -33.58 -23.44
C GLU A 345 -26.46 -34.14 -24.76
N ARG A 346 -27.76 -33.93 -25.00
CA ARG A 346 -28.41 -34.37 -26.22
C ARG A 346 -27.50 -34.04 -27.39
N GLU A 347 -26.70 -33.00 -27.21
CA GLU A 347 -25.73 -32.60 -28.21
C GLU A 347 -24.46 -32.80 -27.42
N LYS A 348 -23.76 -33.91 -27.66
CA LYS A 348 -22.53 -34.24 -26.96
C LYS A 348 -21.53 -33.07 -26.96
N LEU A 349 -21.45 -32.33 -25.86
CA LEU A 349 -20.55 -31.17 -25.76
C LEU A 349 -19.56 -31.22 -24.60
N ASN A 350 -18.56 -30.34 -24.67
CA ASN A 350 -17.53 -30.25 -23.65
C ASN A 350 -17.87 -29.06 -22.76
N TYR A 351 -18.86 -29.27 -21.90
CA TYR A 351 -19.33 -28.22 -21.03
C TYR A 351 -19.02 -28.41 -19.55
N ARG A 352 -19.30 -27.37 -18.78
CA ARG A 352 -19.07 -27.37 -17.36
C ARG A 352 -20.09 -26.45 -16.73
N VAL A 353 -21.02 -26.99 -15.95
CA VAL A 353 -22.00 -26.16 -15.28
C VAL A 353 -21.19 -25.43 -14.21
N MSE A 354 -21.07 -24.11 -14.37
CA MSE A 354 -20.32 -23.28 -13.42
C MSE A 354 -21.15 -22.07 -13.00
O MSE A 354 -22.35 -22.04 -13.26
CB MSE A 354 -19.01 -22.83 -14.07
CG MSE A 354 -19.20 -22.01 -15.33
SE MSE A 354 -17.72 -21.90 -16.36
CE MSE A 354 -16.83 -20.63 -15.59
N HIS A 355 -20.53 -21.09 -12.36
CA HIS A 355 -21.23 -19.88 -11.94
C HIS A 355 -20.53 -18.66 -12.51
N SER A 356 -20.92 -17.46 -12.09
CA SER A 356 -20.28 -16.24 -12.61
C SER A 356 -19.70 -15.34 -11.51
N GLY A 357 -18.37 -15.20 -11.50
CA GLY A 357 -17.75 -14.37 -10.49
C GLY A 357 -17.83 -12.90 -10.89
N ALA A 358 -18.59 -12.62 -11.93
CA ALA A 358 -18.75 -11.25 -12.40
C ALA A 358 -20.22 -10.95 -12.68
N GLY A 359 -20.58 -9.69 -12.56
CA GLY A 359 -21.96 -9.28 -12.80
C GLY A 359 -22.17 -8.95 -14.26
N HIS A 360 -23.36 -9.22 -14.76
CA HIS A 360 -23.72 -8.99 -16.15
C HIS A 360 -25.14 -8.42 -16.28
N ASP A 361 -25.54 -8.11 -17.51
CA ASP A 361 -26.89 -7.60 -17.75
C ASP A 361 -27.91 -8.68 -17.40
N ALA A 362 -27.50 -9.94 -17.53
CA ALA A 362 -28.38 -11.05 -17.25
C ALA A 362 -28.85 -11.09 -15.79
N GLN A 363 -28.19 -10.33 -14.91
CA GLN A 363 -28.57 -10.29 -13.49
C GLN A 363 -29.78 -9.38 -13.23
N ILE A 364 -29.94 -8.38 -14.10
CA ILE A 364 -31.05 -7.42 -14.04
C ILE A 364 -32.30 -8.07 -14.63
N PHE A 365 -32.08 -8.99 -15.57
CA PHE A 365 -33.16 -9.70 -16.24
C PHE A 365 -33.78 -10.77 -15.34
N ALA A 366 -32.91 -11.62 -14.77
CA ALA A 366 -33.28 -12.75 -13.92
C ALA A 366 -34.46 -12.58 -12.97
N PRO A 367 -34.44 -11.57 -12.10
CA PRO A 367 -35.62 -11.52 -11.24
C PRO A 367 -36.94 -11.17 -11.95
N ARG A 368 -36.86 -10.60 -13.15
CA ARG A 368 -38.08 -10.23 -13.87
C ARG A 368 -38.54 -11.29 -14.89
N VAL A 369 -37.63 -11.77 -15.73
CA VAL A 369 -37.95 -12.78 -16.74
C VAL A 369 -36.96 -13.92 -16.61
N PRO A 370 -37.39 -15.16 -16.87
CA PRO A 370 -36.45 -16.28 -16.75
C PRO A 370 -35.24 -16.09 -17.62
N THR A 371 -34.06 -16.16 -17.02
CA THR A 371 -32.85 -15.99 -17.81
C THR A 371 -31.76 -17.03 -17.51
N CYS A 372 -30.81 -17.14 -18.44
CA CYS A 372 -29.69 -18.03 -18.30
C CYS A 372 -28.52 -17.51 -19.15
N MSE A 373 -27.30 -17.87 -18.79
CA MSE A 373 -26.12 -17.42 -19.53
C MSE A 373 -25.36 -18.59 -20.12
O MSE A 373 -25.56 -19.74 -19.73
CB MSE A 373 -25.15 -16.65 -18.62
CG MSE A 373 -25.60 -15.26 -18.18
SE MSE A 373 -24.25 -14.32 -17.36
CE MSE A 373 -23.26 -13.96 -18.81
N ILE A 374 -24.48 -18.28 -21.07
CA ILE A 374 -23.65 -19.27 -21.69
C ILE A 374 -22.25 -18.67 -21.73
N PHE A 375 -21.29 -19.37 -21.14
CA PHE A 375 -19.89 -18.90 -21.10
C PHE A 375 -19.01 -19.58 -22.12
N ILE A 376 -18.04 -18.82 -22.64
CA ILE A 376 -17.03 -19.37 -23.54
C ILE A 376 -15.73 -19.05 -22.80
N PRO A 377 -14.70 -19.87 -22.97
CA PRO A 377 -13.46 -19.59 -22.25
C PRO A 377 -12.88 -18.21 -22.51
N SER A 378 -11.92 -17.85 -21.68
CA SER A 378 -11.20 -16.60 -21.80
C SER A 378 -9.76 -17.01 -21.58
N ILE A 379 -8.91 -16.88 -22.58
CA ILE A 379 -7.51 -17.25 -22.40
C ILE A 379 -6.85 -16.28 -21.42
N ASN A 380 -6.29 -16.84 -20.36
CA ASN A 380 -5.62 -16.07 -19.31
C ASN A 380 -6.52 -15.16 -18.51
N GLY A 381 -7.82 -15.46 -18.47
CA GLY A 381 -8.74 -14.63 -17.71
C GLY A 381 -8.59 -13.14 -17.97
N ILE A 382 -8.09 -12.79 -19.14
CA ILE A 382 -7.91 -11.39 -19.49
C ILE A 382 -9.23 -10.87 -20.00
N SER A 383 -9.55 -9.65 -19.62
CA SER A 383 -10.80 -9.02 -20.02
C SER A 383 -10.63 -7.56 -19.66
N HIS A 384 -11.39 -6.67 -20.30
CA HIS A 384 -11.25 -5.26 -19.99
C HIS A 384 -9.76 -4.96 -20.13
N ASN A 385 -9.22 -5.44 -21.25
CA ASN A 385 -7.82 -5.30 -21.58
C ASN A 385 -7.70 -5.75 -23.03
N PRO A 386 -6.89 -5.04 -23.83
CA PRO A 386 -6.76 -5.42 -25.24
C PRO A 386 -6.22 -6.82 -25.51
N ALA A 387 -5.69 -7.48 -24.49
CA ALA A 387 -5.13 -8.80 -24.70
C ALA A 387 -6.15 -9.93 -24.53
N GLU A 388 -7.43 -9.59 -24.33
CA GLU A 388 -8.43 -10.62 -24.17
C GLU A 388 -8.76 -11.19 -25.54
N ARG A 389 -8.71 -12.51 -25.64
CA ARG A 389 -9.02 -13.21 -26.87
C ARG A 389 -9.66 -14.51 -26.48
N THR A 390 -10.04 -15.29 -27.49
CA THR A 390 -10.67 -16.59 -27.31
C THR A 390 -10.45 -17.31 -28.62
N ASN A 391 -10.09 -18.59 -28.55
CA ASN A 391 -9.85 -19.35 -29.78
C ASN A 391 -11.12 -19.31 -30.62
N ILE A 392 -10.99 -18.91 -31.88
CA ILE A 392 -12.15 -18.76 -32.74
C ILE A 392 -13.09 -19.94 -32.83
N THR A 393 -12.59 -21.16 -32.78
CA THR A 393 -13.51 -22.30 -32.85
C THR A 393 -14.34 -22.41 -31.55
N ASP A 394 -13.87 -21.73 -30.51
CA ASP A 394 -14.57 -21.70 -29.24
C ASP A 394 -15.67 -20.66 -29.36
N LEU A 395 -15.38 -19.58 -30.07
CA LEU A 395 -16.39 -18.57 -30.32
C LEU A 395 -17.46 -19.30 -31.13
N ALA A 396 -17.04 -20.03 -32.17
CA ALA A 396 -17.96 -20.78 -33.01
C ALA A 396 -18.82 -21.71 -32.16
N GLU A 397 -18.20 -22.40 -31.21
CA GLU A 397 -18.95 -23.31 -30.33
C GLU A 397 -20.01 -22.53 -29.60
N GLY A 398 -19.62 -21.45 -28.94
CA GLY A 398 -20.58 -20.65 -28.21
C GLY A 398 -21.73 -20.13 -29.07
N VAL A 399 -21.44 -19.80 -30.32
CA VAL A 399 -22.48 -19.31 -31.23
C VAL A 399 -23.35 -20.47 -31.68
N LYS A 400 -22.77 -21.67 -31.74
CA LYS A 400 -23.52 -22.85 -32.14
C LYS A 400 -24.39 -23.32 -30.98
N THR A 401 -23.89 -23.18 -29.75
CA THR A 401 -24.67 -23.63 -28.61
C THR A 401 -25.83 -22.71 -28.38
N LEU A 402 -25.64 -21.44 -28.72
CA LEU A 402 -26.67 -20.42 -28.59
C LEU A 402 -27.68 -20.59 -29.71
N ALA A 403 -27.22 -21.08 -30.85
CA ALA A 403 -28.13 -21.26 -31.96
C ALA A 403 -29.06 -22.41 -31.60
N LEU A 404 -28.47 -23.48 -31.08
CA LEU A 404 -29.22 -24.66 -30.70
C LEU A 404 -30.27 -24.38 -29.64
N MSE A 405 -29.90 -23.58 -28.64
CA MSE A 405 -30.81 -23.24 -27.54
C MSE A 405 -31.98 -22.39 -28.02
O MSE A 405 -33.14 -22.76 -27.83
CB MSE A 405 -30.07 -22.51 -26.43
CG MSE A 405 -30.92 -22.12 -25.23
SE MSE A 405 -31.45 -23.49 -24.17
CE MSE A 405 -32.16 -22.60 -22.83
N LEU A 406 -31.69 -21.25 -28.65
CA LEU A 406 -32.75 -20.38 -29.13
C LEU A 406 -33.77 -21.18 -29.93
N TYR A 407 -33.28 -22.18 -30.67
CA TYR A 407 -34.16 -23.03 -31.46
C TYR A 407 -35.14 -23.75 -30.53
N GLN A 408 -34.60 -24.31 -29.45
CA GLN A 408 -35.42 -25.01 -28.48
C GLN A 408 -36.50 -24.11 -27.93
N LEU A 409 -36.14 -22.87 -27.64
CA LEU A 409 -37.07 -21.92 -27.04
C LEU A 409 -38.09 -21.29 -27.99
N ALA A 410 -37.67 -20.93 -29.20
CA ALA A 410 -38.58 -20.27 -30.13
C ALA A 410 -39.12 -21.12 -31.31
N TRP A 411 -38.32 -22.06 -31.79
CA TRP A 411 -38.70 -22.89 -32.93
C TRP A 411 -39.26 -24.25 -32.55
N GLN A 412 -39.66 -24.38 -31.30
CA GLN A 412 -40.19 -25.65 -30.82
C GLN A 412 -41.36 -25.21 -29.97
N LYS A 413 -42.45 -25.99 -30.01
CA LYS A 413 -43.62 -25.63 -29.22
C LYS A 413 -43.56 -26.21 -27.80
N LEU B 3 21.77 21.03 42.81
CA LEU B 3 22.57 21.25 41.57
C LEU B 3 21.71 20.94 40.34
N ILE B 4 20.73 20.05 40.51
CA ILE B 4 19.83 19.69 39.41
C ILE B 4 18.93 20.90 39.10
N THR B 5 18.45 21.55 40.16
CA THR B 5 17.60 22.73 40.01
C THR B 5 18.46 23.98 39.80
N HIS B 6 19.74 23.76 39.53
CA HIS B 6 20.64 24.85 39.24
C HIS B 6 20.64 24.87 37.72
N PHE B 7 20.96 23.71 37.14
CA PHE B 7 21.00 23.53 35.70
C PHE B 7 19.57 23.68 35.17
N ARG B 8 18.61 23.24 35.97
CA ARG B 8 17.20 23.32 35.61
C ARG B 8 16.83 24.77 35.28
N GLN B 9 17.61 25.71 35.81
CA GLN B 9 17.39 27.13 35.60
C GLN B 9 18.25 27.57 34.45
N ALA B 10 19.33 26.83 34.25
CA ALA B 10 20.25 27.14 33.17
C ALA B 10 19.54 26.82 31.86
N ILE B 11 19.08 25.58 31.76
CA ILE B 11 18.36 25.08 30.60
C ILE B 11 17.11 25.93 30.35
N GLU B 12 16.29 26.05 31.40
CA GLU B 12 15.06 26.80 31.34
C GLU B 12 15.28 28.23 30.83
N GLU B 13 16.51 28.69 30.97
CA GLU B 13 16.88 30.02 30.54
C GLU B 13 17.53 29.99 29.16
N THR B 14 18.50 29.10 29.00
CA THR B 14 19.27 28.94 27.77
C THR B 14 18.56 28.23 26.62
N LEU B 15 17.99 27.07 26.92
CA LEU B 15 17.28 26.25 25.93
C LEU B 15 16.13 26.93 25.21
N PRO B 16 15.35 27.78 25.90
CA PRO B 16 14.24 28.42 25.20
C PRO B 16 14.68 29.43 24.15
N TRP B 17 15.75 30.18 24.42
CA TRP B 17 16.22 31.17 23.46
C TRP B 17 17.13 30.54 22.43
N LEU B 18 17.82 29.47 22.81
CA LEU B 18 18.71 28.79 21.88
C LEU B 18 17.87 28.07 20.84
N SER B 19 16.78 27.47 21.30
CA SER B 19 15.88 26.74 20.43
C SER B 19 14.93 27.70 19.69
N SER B 20 15.34 28.95 19.55
CA SER B 20 14.49 29.92 18.86
C SER B 20 14.93 30.17 17.43
N PHE B 21 16.25 30.16 17.20
CA PHE B 21 16.79 30.40 15.87
C PHE B 21 16.46 29.28 14.89
N GLY B 22 15.51 29.55 14.00
CA GLY B 22 15.10 28.55 13.04
C GLY B 22 13.78 27.92 13.46
N ALA B 23 12.94 28.71 14.12
CA ALA B 23 11.64 28.23 14.56
C ALA B 23 10.69 28.33 13.36
N ASP B 24 9.86 27.31 13.20
CA ASP B 24 8.92 27.27 12.09
C ASP B 24 7.52 27.69 12.55
N PRO B 25 7.01 28.83 12.02
CA PRO B 25 5.68 29.30 12.41
C PRO B 25 4.61 28.33 11.92
N ALA B 26 5.02 27.46 11.00
CA ALA B 26 4.14 26.44 10.43
C ALA B 26 4.08 25.25 11.38
N GLY B 27 4.92 25.28 12.42
CA GLY B 27 4.95 24.20 13.38
C GLY B 27 6.33 23.58 13.58
N GLY B 28 6.87 23.75 14.78
CA GLY B 28 8.15 23.17 15.10
C GLY B 28 9.39 23.96 14.71
N MSE B 29 10.44 23.23 14.34
CA MSE B 29 11.71 23.84 13.97
C MSE B 29 12.37 23.30 12.71
O MSE B 29 12.45 22.09 12.49
CB MSE B 29 12.69 23.73 15.12
CG MSE B 29 12.24 24.44 16.37
SE MSE B 29 13.62 24.59 17.45
CE MSE B 29 14.52 25.92 16.61
N THR B 30 12.88 24.23 11.90
CA THR B 30 13.53 23.92 10.64
C THR B 30 14.87 24.64 10.56
N ARG B 31 15.95 23.98 10.88
CA ARG B 31 17.24 24.64 10.79
C ARG B 31 17.84 24.31 9.42
N LEU B 32 18.16 23.04 9.21
CA LEU B 32 18.71 22.55 7.94
C LEU B 32 20.02 23.19 7.49
N LEU B 33 20.91 22.34 6.98
CA LEU B 33 22.25 22.71 6.52
C LEU B 33 22.46 24.01 5.73
N TYR B 34 23.68 24.52 5.88
CA TYR B 34 24.17 25.73 5.24
C TYR B 34 23.29 26.97 5.03
N SER B 35 22.47 27.00 3.98
CA SER B 35 21.63 28.17 3.73
C SER B 35 21.02 28.74 5.03
N PRO B 36 20.79 30.07 5.08
CA PRO B 36 20.22 30.83 6.21
C PRO B 36 19.34 30.12 7.23
N GLU B 37 19.33 30.66 8.45
CA GLU B 37 18.59 30.12 9.59
C GLU B 37 19.50 29.15 10.35
N TRP B 38 20.36 28.46 9.61
CA TRP B 38 21.31 27.52 10.20
C TRP B 38 22.52 28.34 10.61
N LEU B 39 22.99 29.16 9.67
CA LEU B 39 24.15 30.02 9.88
C LEU B 39 23.96 30.94 11.08
N GLU B 40 22.82 31.61 11.14
CA GLU B 40 22.53 32.54 12.23
C GLU B 40 22.70 31.86 13.59
N THR B 41 22.34 30.59 13.65
CA THR B 41 22.43 29.80 14.87
C THR B 41 23.87 29.52 15.26
N GLN B 42 24.71 29.22 14.26
CA GLN B 42 26.12 28.93 14.49
C GLN B 42 26.87 30.15 14.98
N GLN B 43 26.28 31.32 14.75
CA GLN B 43 26.88 32.58 15.16
C GLN B 43 26.64 32.92 16.63
N GLN B 44 25.38 32.87 17.06
CA GLN B 44 25.02 33.20 18.43
C GLN B 44 25.43 32.12 19.44
N PHE B 45 25.73 30.92 18.94
CA PHE B 45 26.16 29.85 19.83
C PHE B 45 27.68 29.94 19.94
N LYS B 46 28.25 30.78 19.10
CA LYS B 46 29.69 31.00 19.11
C LYS B 46 29.95 32.15 20.07
N LYS B 47 29.03 33.12 20.10
CA LYS B 47 29.15 34.28 20.96
C LYS B 47 29.15 33.90 22.43
N ARG B 48 28.03 33.35 22.92
CA ARG B 48 27.94 32.95 24.31
C ARG B 48 29.05 31.99 24.70
N MSE B 49 29.70 31.41 23.69
CA MSE B 49 30.78 30.46 23.90
C MSE B 49 32.04 31.28 24.11
O MSE B 49 32.84 31.01 25.01
CB MSE B 49 30.92 29.57 22.66
CG MSE B 49 31.40 28.16 22.94
SE MSE B 49 30.78 27.02 21.71
CE MSE B 49 29.42 26.30 22.59
N ALA B 50 32.20 32.30 23.26
CA ALA B 50 33.33 33.22 23.34
C ALA B 50 33.13 34.06 24.59
N ALA B 51 31.89 34.09 25.08
CA ALA B 51 31.54 34.82 26.28
C ALA B 51 31.97 34.00 27.48
N SER B 52 33.05 33.26 27.29
CA SER B 52 33.64 32.41 28.32
C SER B 52 35.05 32.08 27.84
N GLY B 53 35.86 31.49 28.71
CA GLY B 53 37.23 31.14 28.35
C GLY B 53 37.31 30.11 27.23
N LEU B 54 36.24 30.02 26.44
CA LEU B 54 36.15 29.08 25.31
C LEU B 54 36.75 29.73 24.06
N GLU B 55 37.84 29.15 23.55
CA GLU B 55 38.49 29.68 22.36
C GLU B 55 37.71 29.22 21.14
N THR B 56 36.49 29.75 21.03
CA THR B 56 35.60 29.41 19.94
C THR B 56 36.24 29.56 18.55
N ARG B 57 35.76 28.75 17.60
CA ARG B 57 36.28 28.75 16.24
C ARG B 57 35.43 27.83 15.35
N PHE B 58 35.89 27.64 14.12
CA PHE B 58 35.24 26.75 13.16
C PHE B 58 36.30 25.89 12.54
N ASP B 59 35.89 25.00 11.65
CA ASP B 59 36.85 24.16 10.95
C ASP B 59 36.51 24.35 9.49
N GLU B 60 37.20 23.61 8.62
CA GLU B 60 37.01 23.77 7.18
C GLU B 60 35.59 23.74 6.60
N VAL B 61 34.70 22.92 7.17
CA VAL B 61 33.34 22.81 6.64
C VAL B 61 32.19 23.41 7.43
N GLY B 62 32.38 23.68 8.71
CA GLY B 62 31.29 24.29 9.44
C GLY B 62 31.05 23.91 10.89
N ASN B 63 31.73 22.90 11.39
CA ASN B 63 31.52 22.52 12.78
C ASN B 63 31.98 23.68 13.66
N LEU B 64 31.35 23.80 14.82
CA LEU B 64 31.70 24.85 15.76
C LEU B 64 32.33 24.24 17.02
N TYR B 65 33.37 24.90 17.52
CA TYR B 65 34.03 24.42 18.73
C TYR B 65 34.05 25.50 19.79
N GLY B 66 34.55 25.13 20.96
CA GLY B 66 34.65 26.04 22.08
C GLY B 66 35.58 25.24 22.96
N ARG B 67 36.80 25.71 23.13
CA ARG B 67 37.72 24.94 23.93
C ARG B 67 38.17 25.64 25.18
N LEU B 68 38.27 24.87 26.25
CA LEU B 68 38.71 25.38 27.52
C LEU B 68 40.09 24.76 27.65
N ASN B 69 41.10 25.52 27.25
CA ASN B 69 42.47 25.05 27.30
C ASN B 69 42.84 24.60 28.71
N GLY B 70 43.60 23.51 28.81
CA GLY B 70 43.97 23.03 30.12
C GLY B 70 45.46 22.92 30.40
N THR B 71 45.82 23.09 31.66
CA THR B 71 47.22 23.01 32.09
C THR B 71 47.63 21.54 32.31
N GLU B 72 48.69 21.13 31.62
CA GLU B 72 49.17 19.75 31.73
C GLU B 72 48.27 18.93 30.81
N TYR B 73 48.76 18.68 29.59
CA TYR B 73 48.02 17.93 28.56
C TYR B 73 47.03 18.85 27.83
N PRO B 74 47.48 20.03 27.38
CA PRO B 74 46.55 20.92 26.67
C PRO B 74 46.31 20.47 25.23
N GLN B 75 47.01 19.41 24.83
CA GLN B 75 46.91 18.87 23.49
C GLN B 75 46.10 17.56 23.46
N GLU B 76 45.50 17.26 24.60
CA GLU B 76 44.62 16.11 24.76
C GLU B 76 43.27 16.76 24.86
N VAL B 77 42.41 16.51 23.90
CA VAL B 77 41.10 17.12 23.94
C VAL B 77 40.02 16.13 24.36
N VAL B 78 39.05 16.63 25.12
CA VAL B 78 37.90 15.86 25.53
C VAL B 78 36.79 16.64 24.86
N LEU B 79 36.22 16.07 23.79
CA LEU B 79 35.17 16.74 23.05
C LEU B 79 33.78 16.35 23.51
N SER B 80 32.84 17.28 23.37
CA SER B 80 31.47 17.01 23.75
C SER B 80 30.55 17.82 22.85
N GLY B 81 29.36 17.29 22.58
CA GLY B 81 28.41 17.96 21.72
C GLY B 81 27.60 17.05 20.80
N SER B 82 26.87 17.66 19.86
CA SER B 82 26.05 16.90 18.93
C SER B 82 25.62 17.76 17.74
N HIS B 83 25.07 17.12 16.70
CA HIS B 83 24.63 17.84 15.52
C HIS B 83 23.75 19.03 15.88
N ILE B 84 23.96 20.13 15.15
CA ILE B 84 23.22 21.37 15.37
C ILE B 84 22.03 21.48 14.45
N ASP B 85 22.03 20.66 13.39
CA ASP B 85 20.95 20.67 12.40
C ASP B 85 19.72 19.91 12.88
N THR B 86 18.62 20.05 12.16
CA THR B 86 17.37 19.37 12.49
C THR B 86 16.55 19.10 11.23
N VAL B 87 15.44 18.40 11.37
CA VAL B 87 14.59 18.09 10.21
C VAL B 87 13.56 19.18 9.92
N VAL B 88 12.93 19.07 8.76
CA VAL B 88 11.92 20.03 8.31
C VAL B 88 10.97 20.55 9.39
N ASN B 89 10.53 19.67 10.27
CA ASN B 89 9.62 20.04 11.35
C ASN B 89 10.03 19.31 12.61
N GLY B 90 10.06 20.03 13.75
CA GLY B 90 10.39 19.40 15.01
C GLY B 90 11.72 19.78 15.61
N GLY B 91 12.55 18.78 15.92
CA GLY B 91 13.85 19.04 16.50
C GLY B 91 13.74 19.45 17.96
N ASN B 92 14.20 20.66 18.27
CA ASN B 92 14.16 21.20 19.64
C ASN B 92 15.08 20.54 20.68
N LEU B 93 15.10 19.21 20.69
CA LEU B 93 15.94 18.45 21.63
C LEU B 93 16.83 17.44 20.92
N ASP B 94 16.56 17.19 19.64
CA ASP B 94 17.36 16.26 18.84
C ASP B 94 18.66 16.94 18.38
N GLY B 95 19.78 16.40 18.84
CA GLY B 95 21.08 16.94 18.49
C GLY B 95 21.40 18.18 19.28
N GLN B 96 20.66 19.24 18.99
CA GLN B 96 20.81 20.54 19.64
C GLN B 96 21.09 20.50 21.15
N PHE B 97 20.25 19.81 21.89
CA PHE B 97 20.47 19.75 23.33
C PHE B 97 21.81 19.15 23.78
N GLY B 98 22.50 18.46 22.87
CA GLY B 98 23.77 17.87 23.25
C GLY B 98 24.87 18.90 23.27
N ALA B 99 24.80 19.83 22.34
CA ALA B 99 25.77 20.90 22.21
C ALA B 99 25.54 21.93 23.31
N LEU B 100 24.27 22.10 23.68
CA LEU B 100 23.91 23.05 24.73
C LEU B 100 24.28 22.53 26.10
N ALA B 101 24.12 21.22 26.32
CA ALA B 101 24.47 20.60 27.60
C ALA B 101 25.98 20.69 27.81
N ALA B 102 26.74 20.24 26.81
CA ALA B 102 28.21 20.28 26.84
C ALA B 102 28.75 21.67 27.21
N TRP B 103 28.15 22.71 26.65
CA TRP B 103 28.59 24.06 26.94
C TRP B 103 28.23 24.48 28.37
N LEU B 104 27.01 24.16 28.81
CA LEU B 104 26.60 24.51 30.16
C LEU B 104 27.37 23.65 31.17
N ALA B 105 27.75 22.45 30.77
CA ALA B 105 28.49 21.53 31.64
C ALA B 105 29.95 21.93 31.78
N ILE B 106 30.54 22.42 30.68
CA ILE B 106 31.93 22.87 30.70
C ILE B 106 31.96 24.21 31.43
N ASP B 107 31.10 25.14 31.03
CA ASP B 107 31.04 26.44 31.66
C ASP B 107 31.02 26.35 33.18
N TRP B 108 29.90 25.87 33.72
CA TRP B 108 29.76 25.72 35.16
C TRP B 108 31.03 25.13 35.75
N LEU B 109 31.45 24.00 35.19
CA LEU B 109 32.64 23.27 35.63
C LEU B 109 33.91 24.13 35.61
N LYS B 110 34.13 24.85 34.52
CA LYS B 110 35.32 25.69 34.38
C LYS B 110 35.35 26.88 35.33
N THR B 111 34.21 27.52 35.54
CA THR B 111 34.18 28.68 36.45
C THR B 111 34.17 28.15 37.87
N GLN B 112 33.59 26.97 38.07
CA GLN B 112 33.51 26.38 39.39
C GLN B 112 34.63 25.40 39.68
N TYR B 113 35.68 25.42 38.86
CA TYR B 113 36.84 24.53 39.03
C TYR B 113 38.06 25.01 38.27
N GLY B 114 37.93 26.14 37.57
CA GLY B 114 39.05 26.67 36.81
C GLY B 114 39.57 25.75 35.71
N ALA B 115 40.54 26.24 34.94
CA ALA B 115 41.12 25.47 33.84
C ALA B 115 41.53 24.05 34.25
N PRO B 116 41.10 23.06 33.45
CA PRO B 116 41.34 21.62 33.61
C PRO B 116 42.74 21.12 33.19
N LEU B 117 43.00 19.85 33.49
CA LEU B 117 44.27 19.21 33.12
C LEU B 117 44.23 19.12 31.62
N ARG B 118 43.40 18.22 31.09
CA ARG B 118 43.27 18.07 29.65
C ARG B 118 42.36 19.18 29.13
N THR B 119 42.54 19.53 27.85
CA THR B 119 41.75 20.56 27.22
C THR B 119 40.34 20.02 27.06
N VAL B 120 39.34 20.78 27.48
CA VAL B 120 37.96 20.35 27.31
C VAL B 120 37.46 21.11 26.10
N GLU B 121 36.55 20.51 25.36
CA GLU B 121 36.07 21.16 24.15
C GLU B 121 34.61 20.86 23.91
N VAL B 122 33.89 21.86 23.43
CA VAL B 122 32.48 21.69 23.13
C VAL B 122 32.34 21.85 21.62
N VAL B 123 31.47 21.06 21.01
CA VAL B 123 31.30 21.17 19.57
C VAL B 123 29.85 21.14 19.15
N ALA B 124 29.53 21.95 18.14
CA ALA B 124 28.19 22.00 17.58
C ALA B 124 28.36 21.63 16.12
N MSE B 125 28.62 20.35 15.88
CA MSE B 125 28.85 19.81 14.54
C MSE B 125 27.84 20.24 13.47
O MSE B 125 26.67 20.47 13.75
CB MSE B 125 28.92 18.28 14.61
CG MSE B 125 30.01 17.79 15.54
SE MSE B 125 30.23 16.02 15.67
CE MSE B 125 28.97 15.66 16.84
N ALA B 126 28.33 20.36 12.24
CA ALA B 126 27.48 20.77 11.13
C ALA B 126 26.79 19.57 10.46
N GLU B 127 25.52 19.35 10.77
CA GLU B 127 24.75 18.26 10.18
C GLU B 127 25.10 16.80 10.51
N GLU B 128 24.06 15.99 10.46
CA GLU B 128 24.08 14.55 10.70
C GLU B 128 22.65 14.16 10.38
N GLU B 129 22.44 13.02 9.72
CA GLU B 129 21.09 12.61 9.38
C GLU B 129 20.41 13.71 8.52
N GLY B 130 21.24 14.56 7.94
CA GLY B 130 20.78 15.67 7.09
C GLY B 130 19.56 15.47 6.22
N SER B 131 18.61 16.40 6.36
CA SER B 131 17.37 16.36 5.62
C SER B 131 17.32 17.37 4.48
N ARG B 132 18.47 17.82 3.98
CA ARG B 132 18.45 18.79 2.89
C ARG B 132 19.14 18.29 1.63
N PHE B 133 20.35 17.77 1.76
CA PHE B 133 21.10 17.24 0.62
C PHE B 133 21.32 15.74 0.82
N PRO B 134 21.64 15.01 -0.26
CA PRO B 134 21.87 13.57 -0.16
C PRO B 134 23.20 13.16 0.49
N TYR B 135 23.38 13.54 1.76
CA TYR B 135 24.59 13.21 2.51
C TYR B 135 24.27 13.18 4.01
N VAL B 136 25.02 12.39 4.77
CA VAL B 136 24.80 12.30 6.21
C VAL B 136 26.12 12.26 6.98
N PHE B 137 26.14 12.87 8.17
CA PHE B 137 27.33 12.94 9.01
C PHE B 137 28.43 13.81 8.41
N TRP B 138 28.05 14.70 7.51
CA TRP B 138 29.00 15.61 6.86
C TRP B 138 29.87 16.37 7.86
N GLY B 139 29.38 16.48 9.10
CA GLY B 139 30.11 17.18 10.13
C GLY B 139 31.20 16.34 10.78
N SER B 140 30.82 15.22 11.39
CA SER B 140 31.79 14.35 12.05
C SER B 140 32.72 13.65 11.06
N LYS B 141 32.24 13.41 9.85
CA LYS B 141 33.04 12.75 8.82
C LYS B 141 34.27 13.59 8.49
N ASN B 142 34.06 14.89 8.33
CA ASN B 142 35.16 15.80 8.01
C ASN B 142 36.12 15.89 9.16
N ILE B 143 35.58 15.81 10.37
CA ILE B 143 36.36 15.90 11.60
C ILE B 143 37.45 14.87 11.56
N PHE B 144 37.12 13.68 11.07
CA PHE B 144 38.07 12.58 10.95
C PHE B 144 38.49 12.36 9.50
N GLY B 145 38.33 13.38 8.68
CA GLY B 145 38.69 13.27 7.27
C GLY B 145 38.16 12.01 6.62
N LEU B 146 36.84 11.92 6.51
CA LEU B 146 36.19 10.76 5.91
C LEU B 146 35.24 11.22 4.84
N ALA B 147 34.92 12.51 4.87
CA ALA B 147 34.01 13.07 3.89
C ALA B 147 34.75 13.60 2.65
N ASN B 148 34.82 12.77 1.61
CA ASN B 148 35.46 13.14 0.36
C ASN B 148 34.58 14.21 -0.29
N PRO B 149 35.15 15.37 -0.63
CA PRO B 149 34.38 16.44 -1.25
C PRO B 149 33.58 16.01 -2.47
N MSE B 167 26.89 26.61 1.11
CA MSE B 167 28.14 26.52 1.85
C MSE B 167 28.90 27.82 1.66
O MSE B 167 29.05 28.61 2.59
CB MSE B 167 28.98 25.32 1.34
CG MSE B 167 30.23 24.98 2.18
SE MSE B 167 31.10 23.48 1.60
CE MSE B 167 31.75 22.86 3.07
N LYS B 168 29.38 28.05 0.44
CA LYS B 168 30.11 29.28 0.11
C LYS B 168 29.32 30.53 0.52
N ALA B 169 27.99 30.46 0.36
CA ALA B 169 27.10 31.56 0.69
C ALA B 169 27.04 31.76 2.20
N CYS B 170 27.61 30.79 2.93
CA CYS B 170 27.66 30.83 4.38
C CYS B 170 29.11 31.10 4.80
N GLY B 171 29.98 31.21 3.81
CA GLY B 171 31.39 31.47 4.08
C GLY B 171 32.24 30.24 4.31
N PHE B 172 32.11 29.25 3.45
CA PHE B 172 32.88 28.02 3.56
C PHE B 172 33.11 27.42 2.18
N THR B 173 34.34 27.01 1.89
CA THR B 173 34.68 26.39 0.62
C THR B 173 35.11 24.95 0.86
N LEU B 174 34.31 23.99 0.43
CA LEU B 174 34.66 22.60 0.66
C LEU B 174 35.99 22.20 0.02
N PRO B 175 36.87 21.57 0.81
CA PRO B 175 38.21 21.11 0.43
C PRO B 175 38.41 20.51 -0.96
N ASN B 176 39.68 20.45 -1.37
CA ASN B 176 40.06 19.89 -2.66
C ASN B 176 40.37 18.42 -2.41
N ALA B 177 40.43 18.06 -1.14
CA ALA B 177 40.72 16.70 -0.72
C ALA B 177 40.30 16.48 0.73
N PRO B 178 40.18 15.21 1.16
CA PRO B 178 39.78 14.87 2.53
C PRO B 178 40.66 15.50 3.60
N LEU B 179 40.04 16.26 4.51
CA LEU B 179 40.74 16.93 5.60
C LEU B 179 41.55 15.94 6.42
N THR B 180 42.59 16.42 7.09
CA THR B 180 43.41 15.54 7.90
C THR B 180 42.56 15.09 9.08
N PRO B 181 42.65 13.81 9.44
CA PRO B 181 41.86 13.29 10.57
C PRO B 181 42.31 13.94 11.85
N ARG B 182 41.38 14.14 12.79
CA ARG B 182 41.72 14.70 14.08
C ARG B 182 42.43 13.55 14.78
N GLN B 183 43.52 13.85 15.47
CA GLN B 183 44.26 12.81 16.17
C GLN B 183 44.48 13.17 17.62
N ASP B 184 43.72 14.15 18.12
CA ASP B 184 43.87 14.61 19.49
C ASP B 184 42.71 14.37 20.44
N ILE B 185 41.55 14.00 19.91
CA ILE B 185 40.39 13.74 20.77
C ILE B 185 40.64 12.50 21.62
N LYS B 186 40.78 12.71 22.92
CA LYS B 186 41.05 11.66 23.91
C LYS B 186 39.79 10.85 24.27
N ALA B 187 38.63 11.46 24.08
CA ALA B 187 37.35 10.84 24.38
C ALA B 187 36.23 11.76 23.94
N PHE B 188 35.22 11.17 23.30
CA PHE B 188 34.06 11.92 22.85
C PHE B 188 32.87 11.46 23.66
N VAL B 189 32.02 12.41 24.03
CA VAL B 189 30.84 12.12 24.80
C VAL B 189 29.67 12.87 24.20
N GLU B 190 28.67 12.13 23.72
CA GLU B 190 27.49 12.75 23.13
C GLU B 190 26.27 12.48 24.03
N LEU B 191 25.54 13.56 24.31
CA LEU B 191 24.34 13.54 25.15
C LEU B 191 23.14 13.67 24.20
N HIS B 192 22.28 12.66 24.20
CA HIS B 192 21.12 12.67 23.31
C HIS B 192 19.81 12.34 24.01
N ILE B 193 18.70 12.54 23.29
CA ILE B 193 17.35 12.31 23.80
C ILE B 193 16.76 10.92 23.61
N GLU B 194 17.59 9.90 23.42
CA GLU B 194 17.06 8.55 23.21
C GLU B 194 16.16 8.43 21.97
N GLN B 195 15.29 9.40 21.75
CA GLN B 195 14.38 9.36 20.62
C GLN B 195 13.44 8.18 20.79
N GLY B 196 13.45 7.58 21.97
CA GLY B 196 12.60 6.43 22.25
C GLY B 196 11.83 6.56 23.55
N CYS B 197 11.20 5.46 23.98
CA CYS B 197 10.40 5.47 25.19
C CYS B 197 10.83 4.46 26.26
N VAL B 198 12.04 3.92 26.15
CA VAL B 198 12.48 2.94 27.13
C VAL B 198 12.70 3.53 28.53
N LEU B 199 13.50 4.59 28.63
CA LEU B 199 13.77 5.24 29.92
C LEU B 199 12.46 5.78 30.51
N GLU B 200 11.68 6.39 29.64
CA GLU B 200 10.38 6.95 29.95
C GLU B 200 9.51 5.95 30.70
N SER B 201 9.13 4.87 30.01
CA SER B 201 8.27 3.82 30.56
C SER B 201 8.92 2.92 31.61
N ASN B 202 10.00 3.40 32.22
CA ASN B 202 10.70 2.64 33.26
C ASN B 202 10.92 3.54 34.46
N GLY B 203 10.44 4.76 34.36
CA GLY B 203 10.62 5.70 35.44
C GLY B 203 12.08 6.01 35.68
N GLN B 204 12.90 5.84 34.64
CA GLN B 204 14.34 6.10 34.71
C GLN B 204 14.72 7.37 33.94
N SER B 205 15.78 8.03 34.40
CA SER B 205 16.24 9.30 33.80
C SER B 205 17.51 9.25 32.97
N ILE B 206 18.43 8.36 33.31
CA ILE B 206 19.68 8.28 32.57
C ILE B 206 19.86 7.00 31.79
N GLY B 207 20.54 7.12 30.65
CA GLY B 207 20.79 5.97 29.81
C GLY B 207 22.25 5.85 29.47
N VAL B 208 22.85 4.73 29.85
CA VAL B 208 24.25 4.47 29.53
C VAL B 208 24.28 3.63 28.24
N VAL B 209 24.32 4.34 27.12
CA VAL B 209 24.36 3.72 25.81
C VAL B 209 25.58 2.81 25.69
N ASN B 210 25.38 1.51 25.73
CA ASN B 210 26.53 0.60 25.63
C ASN B 210 26.95 0.30 24.18
N ALA B 211 25.99 0.42 23.27
CA ALA B 211 26.25 0.17 21.86
C ALA B 211 25.18 0.75 20.96
N ILE B 212 25.54 0.93 19.70
CA ILE B 212 24.60 1.44 18.72
C ILE B 212 24.24 0.30 17.77
N VAL B 213 22.94 0.05 17.64
CA VAL B 213 22.39 -1.03 16.81
C VAL B 213 22.96 -1.04 15.38
N GLY B 214 23.14 -2.23 14.83
CA GLY B 214 23.69 -2.34 13.49
C GLY B 214 22.67 -2.70 12.42
N GLN B 215 21.98 -1.70 11.91
CA GLN B 215 20.93 -1.84 10.88
C GLN B 215 21.12 -2.67 9.60
N ARG B 216 19.99 -3.13 9.06
CA ARG B 216 19.92 -3.88 7.81
C ARG B 216 18.58 -3.48 7.18
N ARG B 217 18.55 -3.25 5.87
CA ARG B 217 17.31 -2.89 5.20
C ARG B 217 17.20 -3.56 3.83
N TYR B 218 16.01 -4.07 3.54
CA TYR B 218 15.77 -4.75 2.28
C TYR B 218 14.65 -4.12 1.47
N THR B 219 14.62 -4.47 0.20
CA THR B 219 13.58 -4.03 -0.71
C THR B 219 13.25 -5.32 -1.44
N VAL B 220 12.31 -6.07 -0.86
CA VAL B 220 11.87 -7.34 -1.43
C VAL B 220 10.74 -7.06 -2.41
N THR B 221 10.85 -7.61 -3.61
CA THR B 221 9.80 -7.41 -4.61
C THR B 221 9.11 -8.72 -4.94
N LEU B 222 7.79 -8.72 -4.83
CA LEU B 222 7.00 -9.90 -5.11
C LEU B 222 6.23 -9.80 -6.42
N ASN B 223 6.42 -10.81 -7.27
CA ASN B 223 5.77 -10.91 -8.58
C ASN B 223 4.85 -12.13 -8.65
N GLY B 224 3.53 -11.91 -8.61
CA GLY B 224 2.60 -13.03 -8.69
C GLY B 224 1.84 -12.93 -10.00
N GLU B 225 0.55 -12.62 -9.92
CA GLU B 225 -0.29 -12.44 -11.09
C GLU B 225 -1.57 -11.70 -10.74
N SER B 226 -1.88 -10.66 -11.51
CA SER B 226 -3.09 -9.89 -11.29
C SER B 226 -4.23 -10.70 -11.93
N ASN B 227 -5.34 -10.83 -11.20
CA ASN B 227 -6.50 -11.59 -11.69
C ASN B 227 -7.78 -10.89 -11.27
N HIS B 228 -8.84 -11.13 -12.01
CA HIS B 228 -10.16 -10.57 -11.71
C HIS B 228 -10.52 -11.09 -10.31
N ALA B 229 -10.95 -10.22 -9.41
CA ALA B 229 -11.26 -10.63 -8.04
C ALA B 229 -12.39 -11.64 -7.84
N GLY B 230 -13.17 -11.92 -8.88
CA GLY B 230 -14.26 -12.85 -8.68
C GLY B 230 -14.33 -14.00 -9.65
N THR B 231 -13.89 -13.78 -10.89
CA THR B 231 -13.92 -14.83 -11.90
C THR B 231 -12.82 -15.83 -11.74
N THR B 232 -11.71 -15.44 -11.12
CA THR B 232 -10.59 -16.35 -10.91
C THR B 232 -10.73 -17.06 -9.57
N PRO B 233 -10.84 -18.41 -9.58
CA PRO B 233 -10.99 -19.18 -8.33
C PRO B 233 -9.80 -19.01 -7.41
N MSE B 234 -9.96 -19.47 -6.17
CA MSE B 234 -8.91 -19.37 -5.15
C MSE B 234 -7.67 -20.25 -5.39
O MSE B 234 -6.55 -19.85 -5.09
CB MSE B 234 -9.49 -19.67 -3.77
CG MSE B 234 -9.11 -18.64 -2.69
SE MSE B 234 -9.76 -16.95 -2.91
CE MSE B 234 -9.76 -16.47 -1.28
N GLY B 235 -7.89 -21.45 -5.92
CA GLY B 235 -6.78 -22.34 -6.19
C GLY B 235 -5.90 -21.87 -7.33
N TYR B 236 -6.46 -21.10 -8.24
CA TYR B 236 -5.71 -20.59 -9.41
C TYR B 236 -5.02 -19.26 -9.14
N ARG B 237 -5.12 -18.73 -7.92
CA ARG B 237 -4.52 -17.43 -7.59
C ARG B 237 -3.06 -17.41 -7.18
N ARG B 238 -2.46 -16.23 -7.33
CA ARG B 238 -1.07 -15.98 -6.96
C ARG B 238 -1.00 -14.60 -6.31
N ASP B 239 -1.83 -14.46 -5.26
CA ASP B 239 -1.96 -13.22 -4.51
C ASP B 239 -0.64 -12.78 -3.91
N THR B 240 -0.18 -11.62 -4.35
CA THR B 240 1.08 -11.07 -3.89
C THR B 240 0.92 -10.25 -2.60
N VAL B 241 -0.31 -10.12 -2.11
CA VAL B 241 -0.57 -9.42 -0.86
C VAL B 241 -0.84 -10.52 0.21
N TYR B 242 -1.30 -11.68 -0.24
CA TYR B 242 -1.52 -12.80 0.67
C TYR B 242 -0.11 -13.27 1.01
N ALA B 243 0.76 -13.21 0.01
CA ALA B 243 2.16 -13.61 0.15
C ALA B 243 2.80 -12.77 1.24
N PHE B 244 2.71 -11.44 1.07
CA PHE B 244 3.26 -10.50 2.05
C PHE B 244 2.69 -10.77 3.44
N SER B 245 1.36 -10.89 3.52
CA SER B 245 0.68 -11.15 4.77
C SER B 245 1.24 -12.36 5.51
N ARG B 246 1.65 -13.36 4.74
CA ARG B 246 2.21 -14.58 5.29
C ARG B 246 3.66 -14.31 5.75
N ILE B 247 4.38 -13.51 4.97
CA ILE B 247 5.77 -13.19 5.29
C ILE B 247 5.94 -12.25 6.48
N CYS B 248 5.05 -11.27 6.63
CA CYS B 248 5.11 -10.33 7.75
C CYS B 248 4.70 -11.05 9.03
N HIS B 249 3.52 -11.62 8.98
CA HIS B 249 2.95 -12.38 10.09
C HIS B 249 3.63 -13.75 10.09
N GLN B 250 4.84 -13.83 10.62
CA GLN B 250 5.60 -15.08 10.66
C GLN B 250 6.95 -14.62 11.09
N SER B 251 7.48 -13.66 10.35
CA SER B 251 8.79 -13.11 10.63
C SER B 251 8.68 -12.22 11.87
N VAL B 252 7.55 -11.52 12.00
CA VAL B 252 7.35 -10.66 13.15
C VAL B 252 7.21 -11.51 14.40
N GLU B 253 6.31 -12.49 14.38
CA GLU B 253 6.14 -13.35 15.56
C GLU B 253 7.44 -14.07 15.86
N LYS B 254 8.38 -13.99 14.94
CA LYS B 254 9.68 -14.60 15.14
C LYS B 254 10.54 -13.59 15.90
N ALA B 255 10.66 -12.40 15.33
CA ALA B 255 11.43 -11.36 15.97
C ALA B 255 10.92 -11.14 17.39
N LYS B 256 9.60 -11.24 17.56
CA LYS B 256 9.01 -11.03 18.87
C LYS B 256 9.53 -12.02 19.91
N ARG B 257 9.64 -13.28 19.53
CA ARG B 257 10.12 -14.28 20.46
C ARG B 257 11.65 -14.28 20.60
N MSE B 258 12.34 -13.79 19.58
CA MSE B 258 13.80 -13.68 19.61
C MSE B 258 14.09 -12.72 20.75
O MSE B 258 15.18 -12.74 21.32
CB MSE B 258 14.33 -13.10 18.30
CG MSE B 258 14.57 -14.12 17.20
SE MSE B 258 16.00 -15.20 17.52
CE MSE B 258 17.28 -14.39 16.53
N GLY B 259 13.12 -11.88 21.05
CA GLY B 259 13.23 -10.94 22.13
C GLY B 259 14.07 -9.72 21.81
N ASP B 260 14.01 -8.74 22.70
CA ASP B 260 14.78 -7.52 22.56
C ASP B 260 16.25 -7.92 22.57
N PRO B 261 17.14 -7.09 22.00
CA PRO B 261 16.90 -5.80 21.37
C PRO B 261 16.58 -5.90 19.88
N LEU B 262 16.20 -7.09 19.43
CA LEU B 262 15.87 -7.30 18.03
C LEU B 262 14.61 -6.54 17.69
N VAL B 263 14.59 -5.94 16.51
CA VAL B 263 13.45 -5.21 16.03
C VAL B 263 13.32 -5.46 14.52
N LEU B 264 12.13 -5.91 14.11
CA LEU B 264 11.80 -6.22 12.71
C LEU B 264 10.65 -5.28 12.36
N THR B 265 10.68 -4.70 11.16
CA THR B 265 9.61 -3.77 10.76
C THR B 265 9.32 -3.67 9.27
N PHE B 266 8.09 -3.99 8.88
CA PHE B 266 7.66 -3.89 7.48
C PHE B 266 6.87 -2.59 7.41
N GLY B 267 7.58 -1.49 7.16
CA GLY B 267 6.92 -0.21 7.14
C GLY B 267 6.34 0.27 5.83
N LYS B 268 6.88 -0.22 4.72
CA LYS B 268 6.41 0.22 3.42
C LYS B 268 5.93 -0.90 2.50
N VAL B 269 4.64 -0.87 2.19
CA VAL B 269 4.07 -1.85 1.30
C VAL B 269 3.52 -1.10 0.09
N GLU B 270 3.44 -1.79 -1.03
CA GLU B 270 2.93 -1.22 -2.28
C GLU B 270 2.46 -2.27 -3.25
N PRO B 271 1.24 -2.76 -3.05
CA PRO B 271 0.78 -3.75 -4.00
C PRO B 271 0.42 -3.04 -5.33
N ARG B 272 0.18 -3.84 -6.36
CA ARG B 272 -0.18 -3.35 -7.69
C ARG B 272 -1.12 -4.41 -8.28
N PRO B 273 -2.20 -3.99 -8.99
CA PRO B 273 -2.65 -2.62 -9.30
C PRO B 273 -3.08 -1.95 -8.02
N ASN B 274 -3.33 -2.80 -7.03
CA ASN B 274 -3.71 -2.35 -5.71
C ASN B 274 -5.08 -1.63 -5.64
N THR B 275 -6.04 -2.21 -6.35
CA THR B 275 -7.41 -1.74 -6.38
C THR B 275 -8.31 -2.86 -5.80
N VAL B 276 -9.43 -2.49 -5.20
CA VAL B 276 -10.34 -3.46 -4.57
C VAL B 276 -10.69 -4.79 -5.25
N ASN B 277 -11.04 -4.75 -6.53
CA ASN B 277 -11.45 -5.96 -7.26
C ASN B 277 -10.47 -6.52 -8.30
N VAL B 278 -9.18 -6.44 -8.00
CA VAL B 278 -8.16 -6.99 -8.87
C VAL B 278 -7.15 -7.60 -7.94
N VAL B 279 -6.90 -8.90 -8.08
CA VAL B 279 -5.92 -9.54 -7.22
C VAL B 279 -4.56 -8.95 -7.60
N PRO B 280 -3.81 -8.42 -6.61
CA PRO B 280 -2.50 -7.82 -6.88
C PRO B 280 -1.48 -8.84 -7.39
N GLY B 281 -0.93 -8.56 -8.57
CA GLY B 281 0.05 -9.43 -9.20
C GLY B 281 1.47 -8.95 -8.98
N LYS B 282 1.64 -8.01 -8.05
CA LYS B 282 2.94 -7.46 -7.72
C LYS B 282 2.79 -6.66 -6.45
N THR B 283 3.78 -6.76 -5.58
CA THR B 283 3.80 -6.05 -4.31
C THR B 283 5.24 -5.89 -3.87
N THR B 284 5.66 -4.64 -3.77
CA THR B 284 7.00 -4.28 -3.34
C THR B 284 6.95 -3.77 -1.89
N PHE B 285 7.50 -4.53 -0.97
CA PHE B 285 7.52 -4.13 0.44
C PHE B 285 8.95 -3.95 0.94
N THR B 286 9.08 -3.35 2.11
CA THR B 286 10.38 -3.08 2.68
C THR B 286 10.57 -3.72 4.05
N ILE B 287 11.82 -3.92 4.46
CA ILE B 287 12.15 -4.53 5.74
C ILE B 287 13.23 -3.69 6.42
N ASP B 288 13.13 -3.56 7.74
CA ASP B 288 14.10 -2.81 8.52
C ASP B 288 14.34 -3.62 9.81
N CYS B 289 15.44 -4.36 9.83
CA CYS B 289 15.78 -5.20 10.96
C CYS B 289 17.04 -4.72 11.64
N ARG B 290 16.95 -4.51 12.97
CA ARG B 290 18.09 -4.03 13.75
C ARG B 290 18.41 -4.86 15.00
N HIS B 291 19.69 -4.95 15.33
CA HIS B 291 20.12 -5.69 16.50
C HIS B 291 21.53 -5.25 16.87
N THR B 292 21.89 -5.40 18.14
CA THR B 292 23.21 -4.99 18.64
C THR B 292 24.35 -5.94 18.29
N ASP B 293 24.08 -7.24 18.25
CA ASP B 293 25.12 -8.20 17.88
C ASP B 293 25.02 -8.44 16.38
N ALA B 294 26.13 -8.28 15.67
CA ALA B 294 26.11 -8.50 14.22
C ALA B 294 25.78 -9.94 13.84
N ALA B 295 26.29 -10.89 14.61
CA ALA B 295 26.05 -12.31 14.36
C ALA B 295 24.57 -12.67 14.48
N VAL B 296 23.92 -12.10 15.50
CA VAL B 296 22.51 -12.37 15.75
C VAL B 296 21.64 -11.66 14.72
N LEU B 297 22.11 -10.52 14.20
CA LEU B 297 21.34 -9.81 13.19
C LEU B 297 21.35 -10.70 11.95
N ARG B 298 22.53 -10.87 11.39
CA ARG B 298 22.75 -11.68 10.18
C ARG B 298 21.96 -12.99 10.20
N ASP B 299 22.10 -13.77 11.26
CA ASP B 299 21.40 -15.05 11.39
C ASP B 299 19.87 -14.94 11.23
N PHE B 300 19.27 -14.03 11.98
CA PHE B 300 17.83 -13.84 11.93
C PHE B 300 17.41 -13.49 10.51
N THR B 301 17.91 -12.35 10.02
CA THR B 301 17.59 -11.89 8.67
C THR B 301 17.96 -12.86 7.57
N GLN B 302 18.90 -13.78 7.84
CA GLN B 302 19.30 -14.75 6.83
C GLN B 302 18.17 -15.74 6.74
N GLN B 303 17.64 -16.10 7.91
CA GLN B 303 16.55 -17.05 7.99
C GLN B 303 15.27 -16.49 7.39
N LEU B 304 15.10 -15.18 7.50
CA LEU B 304 13.93 -14.53 6.95
C LEU B 304 13.97 -14.73 5.47
N GLU B 305 15.10 -14.35 4.85
CA GLU B 305 15.23 -14.50 3.41
C GLU B 305 14.84 -15.92 3.00
N ASN B 306 15.20 -16.89 3.84
CA ASN B 306 14.89 -18.29 3.58
C ASN B 306 13.37 -18.46 3.67
N ASP B 307 12.80 -17.95 4.76
CA ASP B 307 11.37 -18.05 4.97
C ASP B 307 10.61 -17.42 3.81
N MSE B 308 11.02 -16.22 3.42
CA MSE B 308 10.38 -15.53 2.31
C MSE B 308 10.51 -16.36 1.05
O MSE B 308 9.54 -16.65 0.37
CB MSE B 308 11.03 -14.17 2.08
CG MSE B 308 10.85 -13.19 3.22
SE MSE B 308 11.10 -11.52 2.65
CE MSE B 308 12.89 -11.34 2.88
N ARG B 309 11.76 -16.73 0.76
CA ARG B 309 12.09 -17.50 -0.42
C ARG B 309 11.36 -18.84 -0.44
N ALA B 310 11.00 -19.36 0.74
CA ALA B 310 10.31 -20.65 0.83
C ALA B 310 8.81 -20.49 0.61
N ILE B 311 8.25 -19.45 1.21
CA ILE B 311 6.82 -19.17 1.10
C ILE B 311 6.44 -18.85 -0.34
N CYS B 312 7.33 -18.18 -1.07
CA CYS B 312 7.05 -17.82 -2.45
C CYS B 312 7.16 -19.01 -3.39
N ASP B 313 8.26 -19.74 -3.31
CA ASP B 313 8.47 -20.89 -4.18
C ASP B 313 7.32 -21.85 -3.95
N GLU B 314 6.67 -21.71 -2.81
CA GLU B 314 5.54 -22.56 -2.50
C GLU B 314 4.34 -22.13 -3.33
N MSE B 315 3.89 -20.89 -3.15
CA MSE B 315 2.74 -20.39 -3.89
C MSE B 315 3.08 -19.86 -5.28
O MSE B 315 2.37 -19.03 -5.83
CB MSE B 315 1.98 -19.32 -3.07
CG MSE B 315 2.83 -18.24 -2.38
SE MSE B 315 1.95 -17.46 -0.98
CE MSE B 315 1.05 -16.24 -1.81
N ASP B 316 4.18 -20.36 -5.83
CA ASP B 316 4.67 -20.00 -7.15
C ASP B 316 4.79 -18.52 -7.45
N ILE B 317 5.41 -17.79 -6.52
CA ILE B 317 5.61 -16.35 -6.68
C ILE B 317 7.11 -16.07 -6.69
N GLY B 318 7.56 -15.24 -7.62
CA GLY B 318 8.98 -14.91 -7.70
C GLY B 318 9.34 -13.76 -6.79
N ILE B 319 10.41 -13.92 -5.99
CA ILE B 319 10.83 -12.87 -5.06
C ILE B 319 11.82 -11.94 -5.75
N ASP B 320 12.60 -11.22 -4.94
CA ASP B 320 13.59 -10.29 -5.44
C ASP B 320 14.03 -9.51 -4.22
N ILE B 321 14.94 -10.12 -3.48
CA ILE B 321 15.48 -9.57 -2.24
C ILE B 321 16.71 -8.67 -2.45
N ASP B 322 16.49 -7.36 -2.28
CA ASP B 322 17.55 -6.35 -2.43
C ASP B 322 17.96 -5.81 -1.06
N LEU B 323 19.09 -6.28 -0.54
CA LEU B 323 19.60 -5.85 0.75
C LEU B 323 20.49 -4.66 0.51
N TRP B 324 19.93 -3.46 0.65
CA TRP B 324 20.70 -2.25 0.39
C TRP B 324 21.47 -1.65 1.56
N MSE B 325 20.89 -1.66 2.75
CA MSE B 325 21.63 -1.12 3.87
C MSE B 325 22.11 -2.28 4.78
O MSE B 325 21.31 -3.04 5.31
CB MSE B 325 20.79 -0.12 4.69
CG MSE B 325 21.55 0.54 5.84
SE MSE B 325 20.58 1.64 6.86
CE MSE B 325 20.72 3.10 5.99
N ASP B 326 23.43 -2.42 4.90
CA ASP B 326 23.96 -3.47 5.75
C ASP B 326 25.03 -2.87 6.64
N GLU B 327 24.59 -2.21 7.70
CA GLU B 327 25.50 -1.57 8.64
C GLU B 327 25.72 -2.38 9.90
N GLU B 328 26.99 -2.50 10.26
CA GLU B 328 27.42 -3.26 11.42
C GLU B 328 27.26 -2.45 12.69
N PRO B 329 27.02 -3.13 13.82
CA PRO B 329 26.86 -2.42 15.09
C PRO B 329 28.13 -1.67 15.55
N VAL B 330 27.94 -0.47 16.08
CA VAL B 330 29.05 0.35 16.58
C VAL B 330 29.00 0.38 18.11
N PRO B 331 29.83 -0.44 18.78
CA PRO B 331 29.81 -0.42 20.23
C PRO B 331 30.50 0.82 20.81
N MSE B 332 30.20 1.16 22.07
CA MSE B 332 30.82 2.30 22.70
C MSE B 332 32.04 1.82 23.47
O MSE B 332 32.06 0.68 23.95
CB MSE B 332 29.85 3.00 23.65
CG MSE B 332 28.62 3.54 22.96
SE MSE B 332 29.02 4.53 21.50
CE MSE B 332 28.66 6.10 22.14
N ASN B 333 33.08 2.66 23.59
CA ASN B 333 34.28 2.27 24.31
C ASN B 333 33.96 1.66 25.68
N LYS B 334 34.18 0.36 25.80
CA LYS B 334 33.92 -0.42 27.02
C LYS B 334 34.40 0.25 28.31
N GLU B 335 35.57 0.87 28.25
CA GLU B 335 36.13 1.56 29.39
C GLU B 335 35.27 2.81 29.64
N LEU B 336 35.18 3.67 28.64
CA LEU B 336 34.36 4.87 28.78
C LEU B 336 33.00 4.53 29.38
N VAL B 337 32.54 3.29 29.18
CA VAL B 337 31.23 2.90 29.69
C VAL B 337 31.25 2.52 31.16
N ALA B 338 32.34 1.91 31.61
CA ALA B 338 32.47 1.52 33.01
C ALA B 338 32.63 2.79 33.87
N THR B 339 33.46 3.72 33.43
CA THR B 339 33.65 4.95 34.19
C THR B 339 32.34 5.71 34.33
N LEU B 340 31.47 5.62 33.32
CA LEU B 340 30.20 6.31 33.38
C LEU B 340 29.24 5.54 34.27
N THR B 341 29.33 4.22 34.27
CA THR B 341 28.45 3.41 35.09
C THR B 341 28.74 3.58 36.58
N GLU B 342 30.03 3.63 36.93
CA GLU B 342 30.43 3.82 38.32
C GLU B 342 30.18 5.27 38.68
N LEU B 343 30.12 6.13 37.66
CA LEU B 343 29.83 7.55 37.84
C LEU B 343 28.38 7.61 38.33
N CYS B 344 27.56 6.69 37.80
CA CYS B 344 26.14 6.56 38.15
C CYS B 344 25.99 5.86 39.50
N GLU B 345 27.10 5.35 40.04
CA GLU B 345 27.10 4.67 41.34
C GLU B 345 27.38 5.66 42.46
N ARG B 346 28.53 6.33 42.40
CA ARG B 346 28.89 7.30 43.44
C ARG B 346 27.71 8.22 43.70
N GLU B 347 27.02 8.61 42.64
CA GLU B 347 25.84 9.46 42.78
C GLU B 347 24.69 8.47 42.77
N LYS B 348 23.65 8.77 43.52
CA LYS B 348 22.50 7.88 43.55
C LYS B 348 21.73 8.16 42.28
N LEU B 349 22.32 7.79 41.13
CA LEU B 349 21.71 8.02 39.82
C LEU B 349 20.74 6.93 39.37
N ASN B 350 19.60 7.37 38.86
CA ASN B 350 18.55 6.47 38.39
C ASN B 350 18.82 6.26 36.90
N TYR B 351 19.93 5.57 36.64
CA TYR B 351 20.36 5.30 35.27
C TYR B 351 19.69 4.07 34.68
N ARG B 352 20.09 3.68 33.48
CA ARG B 352 19.50 2.55 32.79
C ARG B 352 20.39 2.11 31.63
N VAL B 353 21.31 1.18 31.91
CA VAL B 353 22.21 0.72 30.86
C VAL B 353 21.42 0.15 29.68
N MSE B 354 21.58 0.77 28.51
CA MSE B 354 20.86 0.36 27.30
C MSE B 354 21.62 0.60 25.98
O MSE B 354 22.76 1.07 25.98
CB MSE B 354 19.51 1.09 27.28
CG MSE B 354 19.66 2.60 27.26
SE MSE B 354 18.15 3.42 27.67
CE MSE B 354 17.23 3.00 26.28
N HIS B 355 20.98 0.26 24.86
CA HIS B 355 21.58 0.45 23.54
C HIS B 355 20.85 1.53 22.79
N SER B 356 21.52 2.14 21.81
CA SER B 356 20.92 3.20 21.03
C SER B 356 20.24 2.63 19.79
N GLY B 357 18.91 2.67 19.79
CA GLY B 357 18.16 2.13 18.67
C GLY B 357 18.40 2.83 17.36
N ALA B 358 19.04 4.02 17.41
CA ALA B 358 19.33 4.79 16.21
C ALA B 358 20.81 5.16 16.12
N GLY B 359 21.17 5.86 15.05
CA GLY B 359 22.54 6.27 14.85
C GLY B 359 22.74 7.76 15.10
N HIS B 360 23.87 8.09 15.71
CA HIS B 360 24.19 9.47 16.00
C HIS B 360 25.61 9.69 15.58
N ASP B 361 26.08 10.92 15.70
CA ASP B 361 27.45 11.23 15.32
C ASP B 361 28.45 10.35 16.08
N ALA B 362 28.06 9.89 17.26
CA ALA B 362 28.92 9.06 18.06
C ALA B 362 29.30 7.74 17.38
N GLN B 363 28.57 7.34 16.34
CA GLN B 363 28.91 6.08 15.66
C GLN B 363 30.06 6.17 14.67
N ILE B 364 30.43 7.38 14.26
CA ILE B 364 31.54 7.54 13.33
C ILE B 364 32.74 8.11 14.09
N PHE B 365 32.56 8.27 15.39
CA PHE B 365 33.60 8.74 16.28
C PHE B 365 34.17 7.47 16.90
N ALA B 366 33.28 6.70 17.50
CA ALA B 366 33.59 5.45 18.19
C ALA B 366 34.70 4.62 17.60
N PRO B 367 34.75 4.51 16.27
CA PRO B 367 35.82 3.70 15.68
C PRO B 367 37.18 4.38 15.64
N ARG B 368 37.25 5.62 16.10
CA ARG B 368 38.51 6.36 16.05
C ARG B 368 39.01 6.89 17.39
N VAL B 369 38.11 7.37 18.24
CA VAL B 369 38.47 7.86 19.57
C VAL B 369 37.54 7.14 20.55
N PRO B 370 38.00 6.87 21.77
CA PRO B 370 37.08 6.18 22.69
C PRO B 370 35.83 7.05 22.88
N THR B 371 34.64 6.47 22.78
CA THR B 371 33.43 7.28 22.93
C THR B 371 32.30 6.63 23.70
N CYS B 372 31.44 7.46 24.28
CA CYS B 372 30.27 6.98 25.03
C CYS B 372 29.10 7.95 24.81
N MSE B 373 27.90 7.50 25.12
CA MSE B 373 26.72 8.33 24.95
C MSE B 373 25.84 8.28 26.18
O MSE B 373 25.65 7.22 26.77
CB MSE B 373 25.87 7.87 23.76
CG MSE B 373 26.22 8.47 22.43
SE MSE B 373 24.82 8.31 21.31
CE MSE B 373 24.81 6.60 21.08
N ILE B 374 25.29 9.43 26.53
CA ILE B 374 24.39 9.54 27.68
C ILE B 374 22.98 9.80 27.12
N PHE B 375 22.02 9.03 27.61
CA PHE B 375 20.65 9.17 27.14
C PHE B 375 19.70 9.83 28.11
N ILE B 376 18.92 10.76 27.56
CA ILE B 376 17.92 11.50 28.30
C ILE B 376 16.60 10.84 27.89
N PRO B 377 15.69 10.64 28.85
CA PRO B 377 14.42 10.00 28.45
C PRO B 377 13.66 10.86 27.44
N SER B 378 12.79 10.24 26.66
CA SER B 378 12.05 10.99 25.65
C SER B 378 10.56 10.77 25.61
N ILE B 379 9.85 11.86 25.34
CA ILE B 379 8.39 11.94 25.21
C ILE B 379 7.64 10.61 25.39
N ASN B 380 7.05 10.17 24.28
CA ASN B 380 6.31 8.92 24.18
C ASN B 380 7.03 8.30 23.00
N GLY B 381 8.35 8.44 23.04
CA GLY B 381 9.18 7.93 21.96
C GLY B 381 9.20 8.96 20.85
N ILE B 382 8.29 9.93 20.94
CA ILE B 382 8.17 10.98 19.93
C ILE B 382 9.51 11.65 19.69
N SER B 383 9.87 11.83 18.42
CA SER B 383 11.15 12.43 18.05
C SER B 383 11.12 13.06 16.66
N HIS B 384 12.07 13.96 16.41
CA HIS B 384 12.20 14.65 15.13
C HIS B 384 11.05 15.61 14.84
N ASN B 385 9.80 15.17 15.01
CA ASN B 385 8.66 16.06 14.76
C ASN B 385 8.58 17.07 15.93
N PRO B 386 7.73 18.10 15.82
CA PRO B 386 7.59 19.11 16.88
C PRO B 386 7.04 18.67 18.25
N ALA B 387 6.47 17.47 18.32
CA ALA B 387 5.90 16.99 19.57
C ALA B 387 6.93 16.45 20.55
N GLU B 388 8.20 16.78 20.35
CA GLU B 388 9.25 16.29 21.24
C GLU B 388 9.31 17.11 22.53
N ARG B 389 9.72 16.45 23.60
CA ARG B 389 9.83 17.09 24.90
C ARG B 389 10.34 16.08 25.92
N THR B 390 11.26 16.52 26.76
CA THR B 390 11.79 15.68 27.82
C THR B 390 11.58 16.50 29.07
N ASN B 391 11.21 15.86 30.17
CA ASN B 391 10.97 16.61 31.40
C ASN B 391 12.13 17.50 31.81
N ILE B 392 11.87 18.79 31.92
CA ILE B 392 12.87 19.78 32.28
C ILE B 392 13.84 19.36 33.40
N THR B 393 13.39 18.50 34.31
CA THR B 393 14.25 18.07 35.40
C THR B 393 15.10 16.87 35.00
N ASP B 394 14.72 16.21 33.91
CA ASP B 394 15.47 15.06 33.37
C ASP B 394 16.60 15.60 32.51
N LEU B 395 16.38 16.78 31.94
CA LEU B 395 17.38 17.45 31.12
C LEU B 395 18.47 17.92 32.06
N ALA B 396 18.08 18.57 33.14
CA ALA B 396 19.03 19.06 34.11
C ALA B 396 19.86 17.89 34.63
N GLU B 397 19.22 16.73 34.78
CA GLU B 397 19.93 15.54 35.24
C GLU B 397 21.03 15.21 34.25
N GLY B 398 20.71 15.35 32.97
CA GLY B 398 21.67 15.07 31.92
C GLY B 398 22.83 16.03 31.93
N VAL B 399 22.55 17.33 31.85
CA VAL B 399 23.60 18.34 31.84
C VAL B 399 24.47 18.20 33.08
N LYS B 400 23.89 17.61 34.13
CA LYS B 400 24.61 17.39 35.38
C LYS B 400 25.62 16.27 35.17
N THR B 401 25.11 15.07 34.94
CA THR B 401 25.92 13.88 34.71
C THR B 401 26.97 14.05 33.61
N LEU B 402 26.72 14.97 32.67
CA LEU B 402 27.63 15.24 31.58
C LEU B 402 28.75 16.08 32.17
N ALA B 403 28.37 17.02 33.03
CA ALA B 403 29.31 17.92 33.70
C ALA B 403 30.22 17.12 34.63
N LEU B 404 29.65 16.09 35.25
CA LEU B 404 30.40 15.22 36.15
C LEU B 404 31.43 14.41 35.37
N MSE B 405 30.94 13.65 34.40
CA MSE B 405 31.79 12.82 33.55
C MSE B 405 32.93 13.61 32.93
O MSE B 405 34.07 13.18 32.99
CB MSE B 405 30.97 12.15 32.44
CG MSE B 405 30.92 10.63 32.53
SE MSE B 405 32.48 9.84 32.21
CE MSE B 405 32.05 8.62 31.11
N LEU B 406 32.63 14.74 32.32
CA LEU B 406 33.67 15.56 31.70
C LEU B 406 34.72 15.92 32.75
N TYR B 407 34.25 16.18 33.97
CA TYR B 407 35.13 16.51 35.09
C TYR B 407 36.05 15.33 35.37
N GLN B 408 35.51 14.13 35.16
CA GLN B 408 36.23 12.89 35.36
C GLN B 408 37.18 12.57 34.18
N LEU B 409 37.21 13.45 33.18
CA LEU B 409 38.06 13.22 32.02
C LEU B 409 39.03 14.36 31.69
N ALA B 410 38.85 15.52 32.29
CA ALA B 410 39.76 16.64 32.01
C ALA B 410 40.22 17.29 33.31
N TRP B 411 39.45 17.07 34.36
CA TRP B 411 39.77 17.63 35.67
C TRP B 411 40.20 16.55 36.66
N GLN B 412 40.06 15.28 36.28
CA GLN B 412 40.43 14.19 37.17
C GLN B 412 41.93 13.92 37.31
N LYS B 413 42.33 13.66 38.55
CA LYS B 413 43.73 13.40 38.90
C LYS B 413 43.96 11.88 38.91
#